data_3SCR
#
_entry.id   3SCR
#
_cell.length_a   79.740
_cell.length_b   100.966
_cell.length_c   127.493
_cell.angle_alpha   90.00
_cell.angle_beta   90.00
_cell.angle_gamma   90.00
#
_symmetry.space_group_name_H-M   'P 21 21 21'
#
loop_
_entity.id
_entity.type
_entity.pdbx_description
1 polymer 'Beta-glucosidase 7'
2 non-polymer 'ZINC ION'
3 non-polymer 'SULFATE ION'
4 non-polymer '2-(N-MORPHOLINO)-ETHANESULFONIC ACID'
5 non-polymer GLYCEROL
6 water water
#
_entity_poly.entity_id   1
_entity_poly.type   'polypeptide(L)'
_entity_poly.pdbx_seq_one_letter_code
;AMADVVPKPNWLGGLSRAAFPKRFVFGTVTSAYQVEGMAASGGRGPSIWDAFAHTPGNVAGNQNGDVATDQYHRYKEDVN
LMKSLNFDAYRFSISWSRIFPDGEGRVNQEGVAYYNNLINYLLQKGITPYVNLYHYDLPLALEKKYGGWLNAKMADLFTE
YADFCFKTFGNRVKHWFTFNEPRIVALLGYDQGTNPPKRCTKCAAGGNSATEPYIVAHNFLLSHAAAVARYRTKYQAAQQ
GKVGIVLDFNWYEALSNSTEDQAAAQRARDFHIGWYLDPLINGHYPQIMQDLVKDRLPKFTPEQARLVKGSADYIGINQY
TASYMKGQQLMQQTPTSYSADWQVTYVFAKNGKPIGPQANSNWLYIVPWGMYGCVNYIKQKYGNPTVVITSNGMDQPANL
SRDQYLRDTTRVHFYRSYLTQLKKAIDEGANVAGYFAWSLLDNFEWLSGYTSKFGIVYVDFNTLERHPKASAYWFRDMLK
H
;
_entity_poly.pdbx_strand_id   A,B
#
loop_
_chem_comp.id
_chem_comp.type
_chem_comp.name
_chem_comp.formula
GOL non-polymer GLYCEROL 'C3 H8 O3'
MES non-polymer '2-(N-MORPHOLINO)-ETHANESULFONIC ACID' 'C6 H13 N O4 S'
SO4 non-polymer 'SULFATE ION' 'O4 S -2'
ZN non-polymer 'ZINC ION' 'Zn 2'
#
# COMPACT_ATOMS: atom_id res chain seq x y z
N ASN A 10 -33.49 20.44 -11.45
CA ASN A 10 -33.03 19.04 -11.34
C ASN A 10 -31.74 19.11 -10.57
N TRP A 11 -31.25 17.97 -10.06
CA TRP A 11 -30.09 17.95 -9.17
C TRP A 11 -28.80 18.49 -9.84
N LEU A 12 -28.73 18.34 -11.15
CA LEU A 12 -27.66 18.99 -11.95
C LEU A 12 -27.88 20.49 -12.11
N GLY A 13 -29.13 20.94 -11.90
CA GLY A 13 -29.44 22.36 -11.99
C GLY A 13 -29.10 22.93 -13.36
N GLY A 14 -29.31 22.11 -14.39
CA GLY A 14 -29.11 22.53 -15.78
C GLY A 14 -27.67 22.46 -16.24
N LEU A 15 -26.78 21.98 -15.37
CA LEU A 15 -25.37 21.85 -15.75
C LEU A 15 -25.10 20.53 -16.47
N SER A 16 -24.20 20.60 -17.44
CA SER A 16 -23.70 19.47 -18.20
C SER A 16 -22.52 19.98 -19.02
N ARG A 17 -21.87 19.09 -19.75
CA ARG A 17 -20.76 19.52 -20.60
C ARG A 17 -21.21 20.52 -21.67
N ALA A 18 -22.47 20.41 -22.09
CA ALA A 18 -23.04 21.33 -23.08
C ALA A 18 -23.17 22.76 -22.55
N ALA A 19 -23.18 22.91 -21.21
CA ALA A 19 -23.30 24.21 -20.57
C ALA A 19 -21.97 24.95 -20.48
N PHE A 20 -20.88 24.26 -20.81
CA PHE A 20 -19.55 24.85 -20.84
C PHE A 20 -18.98 24.86 -22.26
N PRO A 21 -17.89 25.62 -22.48
CA PRO A 21 -17.32 25.68 -23.84
C PRO A 21 -16.87 24.33 -24.39
N LYS A 22 -16.88 24.23 -25.71
CA LYS A 22 -16.36 23.05 -26.39
C LYS A 22 -14.93 22.81 -25.90
N ARG A 23 -14.62 21.55 -25.63
CA ARG A 23 -13.26 21.13 -25.19
C ARG A 23 -12.87 21.65 -23.78
N PHE A 24 -13.80 22.25 -23.06
CA PHE A 24 -13.51 22.66 -21.67
C PHE A 24 -13.09 21.41 -20.90
N VAL A 25 -12.02 21.53 -20.10
CA VAL A 25 -11.44 20.41 -19.35
C VAL A 25 -12.00 20.33 -17.92
N PHE A 26 -12.49 19.15 -17.54
CA PHE A 26 -12.89 18.88 -16.15
C PHE A 26 -11.96 17.84 -15.54
N GLY A 27 -11.48 18.12 -14.33
CA GLY A 27 -10.61 17.17 -13.66
C GLY A 27 -10.78 17.14 -12.15
N THR A 28 -10.00 16.28 -11.50
CA THR A 28 -9.87 16.29 -10.04
C THR A 28 -8.38 16.52 -9.71
N VAL A 29 -8.12 16.77 -8.43
CA VAL A 29 -6.79 17.22 -7.98
C VAL A 29 -6.37 16.48 -6.73
N THR A 30 -5.07 16.17 -6.66
CA THR A 30 -4.45 15.77 -5.40
C THR A 30 -3.07 16.43 -5.39
N SER A 31 -2.31 16.22 -4.31
CA SER A 31 -0.89 16.57 -4.30
C SER A 31 -0.11 15.40 -3.69
N ALA A 32 1.20 15.34 -3.96
CA ALA A 32 2.02 14.17 -3.63
C ALA A 32 1.98 13.81 -2.16
N TYR A 33 2.33 14.75 -1.29
CA TYR A 33 2.41 14.42 0.13
C TYR A 33 1.04 14.11 0.72
N GLN A 34 0.00 14.71 0.15
CA GLN A 34 -1.35 14.52 0.70
C GLN A 34 -1.95 13.15 0.36
N VAL A 35 -1.51 12.51 -0.72
CA VAL A 35 -2.10 11.20 -1.10
C VAL A 35 -1.16 10.01 -1.30
N GLU A 36 0.11 10.24 -1.63
CA GLU A 36 0.94 9.12 -2.12
C GLU A 36 1.20 8.08 -1.06
N GLY A 37 1.55 8.56 0.14
CA GLY A 37 2.17 7.68 1.12
C GLY A 37 3.56 7.30 0.66
N MET A 38 4.05 6.14 1.14
CA MET A 38 5.44 5.71 0.91
C MET A 38 6.43 6.87 1.12
N ALA A 39 6.22 7.64 2.16
CA ALA A 39 6.98 8.89 2.38
C ALA A 39 8.47 8.63 2.63
N ALA A 40 8.76 7.49 3.25
CA ALA A 40 10.14 7.13 3.58
C ALA A 40 10.47 5.79 2.92
N SER A 41 9.80 5.49 1.81
CA SER A 41 10.03 4.25 1.09
C SER A 41 10.19 4.53 -0.40
N GLY A 42 10.55 3.51 -1.15
CA GLY A 42 10.71 3.67 -2.59
C GLY A 42 11.82 4.65 -2.93
N GLY A 43 12.75 4.83 -2.00
CA GLY A 43 13.90 5.75 -2.19
C GLY A 43 13.65 7.22 -1.92
N ARG A 44 12.42 7.59 -1.55
CA ARG A 44 12.09 9.02 -1.31
C ARG A 44 12.86 9.60 -0.16
N GLY A 45 13.44 10.78 -0.36
CA GLY A 45 14.07 11.54 0.76
C GLY A 45 13.00 12.40 1.44
N PRO A 46 13.27 12.85 2.67
CA PRO A 46 12.25 13.63 3.39
C PRO A 46 12.07 15.05 2.83
N SER A 47 10.84 15.53 2.91
CA SER A 47 10.56 16.94 2.66
C SER A 47 10.46 17.70 3.98
N ILE A 48 10.36 19.02 3.89
CA ILE A 48 10.17 19.82 5.10
C ILE A 48 8.85 19.46 5.79
N TRP A 49 7.88 18.97 5.02
CA TRP A 49 6.61 18.50 5.63
C TRP A 49 6.75 17.19 6.41
N ASP A 50 7.65 16.30 5.98
CA ASP A 50 7.90 15.06 6.74
C ASP A 50 8.44 15.42 8.12
N ALA A 51 9.46 16.27 8.15
CA ALA A 51 10.02 16.74 9.42
C ALA A 51 8.99 17.45 10.28
N PHE A 52 8.22 18.37 9.68
CA PHE A 52 7.22 19.13 10.41
C PHE A 52 6.16 18.20 11.00
N ALA A 53 5.63 17.29 10.18
CA ALA A 53 4.49 16.46 10.62
C ALA A 53 4.90 15.42 11.66
N HIS A 54 6.18 15.06 11.68
CA HIS A 54 6.68 14.09 12.64
C HIS A 54 7.01 14.71 14.01
N THR A 55 6.92 16.03 14.11
CA THR A 55 7.15 16.70 15.38
C THR A 55 5.83 16.74 16.16
N PRO A 56 5.82 16.18 17.37
CA PRO A 56 4.57 16.15 18.16
C PRO A 56 3.99 17.56 18.33
N GLY A 57 2.68 17.68 18.14
CA GLY A 57 1.98 18.95 18.30
C GLY A 57 1.75 19.73 17.03
N ASN A 58 2.48 19.42 15.95
CA ASN A 58 2.39 20.21 14.73
C ASN A 58 1.13 19.95 13.94
N VAL A 59 0.67 18.70 13.92
CA VAL A 59 -0.48 18.33 13.10
C VAL A 59 -1.55 17.77 14.01
N ALA A 60 -2.82 17.97 13.67
CA ALA A 60 -3.92 17.34 14.42
C ALA A 60 -3.69 15.84 14.69
N GLY A 61 -3.83 15.41 15.93
CA GLY A 61 -3.63 14.00 16.31
C GLY A 61 -2.22 13.45 16.10
N ASN A 62 -1.23 14.35 15.96
CA ASN A 62 0.16 13.97 15.60
C ASN A 62 0.22 13.12 14.34
N GLN A 63 -0.68 13.38 13.39
CA GLN A 63 -0.71 12.55 12.20
C GLN A 63 0.26 13.06 11.15
N ASN A 64 0.52 12.21 10.16
CA ASN A 64 1.49 12.54 9.13
C ASN A 64 1.11 11.88 7.82
N GLY A 65 1.91 12.12 6.78
CA GLY A 65 1.62 11.56 5.46
C GLY A 65 2.37 10.30 5.15
N ASP A 66 2.85 9.57 6.17
CA ASP A 66 3.70 8.39 5.93
C ASP A 66 3.01 7.41 4.99
N VAL A 67 1.70 7.24 5.20
CA VAL A 67 0.89 6.30 4.43
C VAL A 67 -0.19 7.05 3.65
N ALA A 68 -0.80 8.06 4.27
CA ALA A 68 -1.81 8.89 3.59
C ALA A 68 -2.88 7.99 2.95
N THR A 69 -3.21 8.18 1.67
CA THR A 69 -4.18 7.29 1.00
C THR A 69 -3.52 6.08 0.33
N ASP A 70 -2.18 6.02 0.40
CA ASP A 70 -1.40 4.95 -0.26
C ASP A 70 -1.66 4.90 -1.76
N GLN A 71 -1.83 6.07 -2.37
CA GLN A 71 -2.05 6.08 -3.83
C GLN A 71 -0.84 5.48 -4.56
N TYR A 72 0.31 5.52 -3.91
CA TYR A 72 1.51 4.93 -4.47
C TYR A 72 1.27 3.45 -4.93
N HIS A 73 0.55 2.68 -4.11
CA HIS A 73 0.30 1.30 -4.45
C HIS A 73 -0.99 1.12 -5.24
N ARG A 74 -1.90 2.08 -5.10
CA ARG A 74 -3.28 1.90 -5.56
C ARG A 74 -3.62 2.79 -6.73
N TYR A 75 -2.61 3.34 -7.42
CA TYR A 75 -2.91 4.40 -8.38
C TYR A 75 -3.81 3.94 -9.52
N LYS A 76 -3.74 2.67 -9.92
CA LYS A 76 -4.59 2.21 -11.01
C LYS A 76 -6.04 2.13 -10.57
N GLU A 77 -6.27 1.77 -9.32
CA GLU A 77 -7.65 1.87 -8.77
C GLU A 77 -8.19 3.30 -8.87
N ASP A 78 -7.37 4.26 -8.43
CA ASP A 78 -7.80 5.67 -8.42
C ASP A 78 -7.99 6.24 -9.85
N VAL A 79 -7.12 5.87 -10.78
CA VAL A 79 -7.30 6.30 -12.19
C VAL A 79 -8.55 5.66 -12.78
N ASN A 80 -8.76 4.37 -12.49
CA ASN A 80 -10.00 3.72 -12.95
C ASN A 80 -11.23 4.45 -12.48
N LEU A 81 -11.18 4.87 -11.22
CA LEU A 81 -12.30 5.55 -10.61
C LEU A 81 -12.57 6.90 -11.25
N MET A 82 -11.51 7.71 -11.46
CA MET A 82 -11.71 9.01 -12.05
C MET A 82 -12.23 8.87 -13.49
N LYS A 83 -11.80 7.83 -14.22
CA LYS A 83 -12.33 7.62 -15.58
C LYS A 83 -13.82 7.24 -15.50
N SER A 84 -14.18 6.41 -14.52
CA SER A 84 -15.57 5.99 -14.33
C SER A 84 -16.48 7.16 -13.99
N LEU A 85 -15.91 8.22 -13.42
CA LEU A 85 -16.67 9.41 -13.04
C LEU A 85 -16.67 10.47 -14.16
N ASN A 86 -16.14 10.09 -15.32
CA ASN A 86 -16.21 10.93 -16.54
C ASN A 86 -15.35 12.21 -16.55
N PHE A 87 -14.32 12.25 -15.70
CA PHE A 87 -13.33 13.32 -15.80
C PHE A 87 -12.41 13.15 -16.99
N ASP A 88 -11.88 14.28 -17.49
CA ASP A 88 -10.98 14.32 -18.66
C ASP A 88 -9.54 14.37 -18.25
N ALA A 89 -9.27 14.79 -17.01
CA ALA A 89 -7.91 15.17 -16.64
C ALA A 89 -7.67 14.96 -15.16
N TYR A 90 -6.39 14.94 -14.78
CA TYR A 90 -6.02 14.71 -13.39
C TYR A 90 -4.84 15.60 -13.09
N ARG A 91 -5.02 16.46 -12.09
CA ARG A 91 -3.95 17.31 -11.62
C ARG A 91 -3.32 16.64 -10.41
N PHE A 92 -2.03 16.35 -10.50
CA PHE A 92 -1.30 15.77 -9.36
C PHE A 92 0.06 16.43 -9.35
N SER A 93 0.82 16.22 -8.29
CA SER A 93 2.19 16.74 -8.23
C SER A 93 3.24 15.64 -8.16
N ILE A 94 4.44 16.02 -8.58
CA ILE A 94 5.62 15.18 -8.46
C ILE A 94 6.34 15.62 -7.19
N SER A 95 6.68 14.66 -6.34
CA SER A 95 7.45 14.96 -5.12
C SER A 95 8.91 15.12 -5.49
N TRP A 96 9.42 16.32 -5.27
CA TRP A 96 10.81 16.67 -5.63
C TRP A 96 11.75 15.69 -4.94
N SER A 97 11.50 15.42 -3.65
CA SER A 97 12.42 14.53 -2.92
C SER A 97 12.22 13.02 -3.23
N ARG A 98 11.15 12.67 -3.94
CA ARG A 98 11.03 11.31 -4.48
C ARG A 98 11.88 11.11 -5.75
N ILE A 99 12.07 12.18 -6.53
CA ILE A 99 12.97 12.16 -7.68
C ILE A 99 14.45 12.37 -7.28
N PHE A 100 14.69 13.41 -6.49
CA PHE A 100 16.05 13.78 -5.99
C PHE A 100 15.98 13.78 -4.47
N PRO A 101 16.37 12.68 -3.83
CA PRO A 101 16.18 12.60 -2.37
C PRO A 101 16.85 13.73 -1.58
N ASP A 102 17.96 14.26 -2.13
CA ASP A 102 18.66 15.40 -1.54
C ASP A 102 18.37 16.72 -2.24
N GLY A 103 17.42 16.69 -3.19
CA GLY A 103 16.99 17.90 -3.89
C GLY A 103 17.88 18.29 -5.06
N GLU A 104 19.04 17.66 -5.15
CA GLU A 104 20.03 17.89 -6.21
C GLU A 104 20.88 16.61 -6.25
N GLY A 105 21.64 16.42 -7.33
CA GLY A 105 22.54 15.28 -7.42
C GLY A 105 21.90 13.97 -7.85
N ARG A 106 21.93 12.97 -6.97
CA ARG A 106 21.58 11.61 -7.34
C ARG A 106 20.07 11.49 -7.65
N VAL A 107 19.73 10.85 -8.78
CA VAL A 107 18.32 10.54 -9.14
C VAL A 107 17.91 9.22 -8.51
N ASN A 108 16.71 9.19 -7.92
CA ASN A 108 16.12 7.98 -7.41
C ASN A 108 15.30 7.35 -8.54
N GLN A 109 15.86 6.33 -9.19
CA GLN A 109 15.22 5.75 -10.36
C GLN A 109 13.88 5.11 -10.01
N GLU A 110 13.78 4.57 -8.81
CA GLU A 110 12.50 3.97 -8.39
C GLU A 110 11.39 5.04 -8.35
N GLY A 111 11.72 6.25 -7.93
CA GLY A 111 10.77 7.36 -7.92
C GLY A 111 10.36 7.77 -9.31
N VAL A 112 11.35 7.87 -10.20
CA VAL A 112 11.11 8.14 -11.63
C VAL A 112 10.13 7.12 -12.22
N ALA A 113 10.36 5.84 -11.91
CA ALA A 113 9.51 4.76 -12.41
C ALA A 113 8.06 4.90 -11.97
N TYR A 114 7.85 5.33 -10.73
CA TYR A 114 6.48 5.54 -10.24
C TYR A 114 5.73 6.57 -11.10
N TYR A 115 6.34 7.74 -11.32
CA TYR A 115 5.66 8.76 -12.12
C TYR A 115 5.52 8.35 -13.58
N ASN A 116 6.50 7.62 -14.10
CA ASN A 116 6.31 7.05 -15.44
C ASN A 116 5.07 6.15 -15.51
N ASN A 117 4.95 5.28 -14.52
CA ASN A 117 3.85 4.35 -14.46
C ASN A 117 2.50 5.02 -14.32
N LEU A 118 2.44 6.04 -13.46
CA LEU A 118 1.24 6.85 -13.27
C LEU A 118 0.84 7.58 -14.54
N ILE A 119 1.80 8.29 -15.12
CA ILE A 119 1.55 9.05 -16.34
C ILE A 119 1.09 8.13 -17.48
N ASN A 120 1.78 7.01 -17.63
CA ASN A 120 1.45 6.08 -18.70
C ASN A 120 0.05 5.48 -18.53
N TYR A 121 -0.31 5.14 -17.30
CA TYR A 121 -1.65 4.60 -17.05
C TYR A 121 -2.75 5.62 -17.30
N LEU A 122 -2.53 6.85 -16.83
CA LEU A 122 -3.45 7.95 -17.14
C LEU A 122 -3.68 8.05 -18.65
N LEU A 123 -2.60 8.14 -19.40
CA LEU A 123 -2.72 8.24 -20.87
C LEU A 123 -3.45 7.02 -21.46
N GLN A 124 -3.14 5.83 -20.95
CA GLN A 124 -3.77 4.59 -21.43
C GLN A 124 -5.27 4.69 -21.23
N LYS A 125 -5.67 5.30 -20.12
CA LYS A 125 -7.08 5.43 -19.76
C LYS A 125 -7.76 6.69 -20.32
N GLY A 126 -7.02 7.51 -21.06
CA GLY A 126 -7.58 8.69 -21.70
C GLY A 126 -7.80 9.86 -20.75
N ILE A 127 -7.00 9.92 -19.70
CA ILE A 127 -7.06 11.04 -18.76
C ILE A 127 -5.81 11.90 -18.93
N THR A 128 -5.97 13.21 -19.14
CA THR A 128 -4.80 14.05 -19.39
C THR A 128 -4.10 14.41 -18.08
N PRO A 129 -2.77 14.18 -18.03
CA PRO A 129 -2.04 14.62 -16.84
C PRO A 129 -1.74 16.13 -16.83
N TYR A 130 -2.10 16.79 -15.73
CA TYR A 130 -1.73 18.16 -15.46
C TYR A 130 -0.80 18.07 -14.27
N VAL A 131 0.47 18.37 -14.47
CA VAL A 131 1.49 18.01 -13.48
C VAL A 131 2.12 19.22 -12.84
N ASN A 132 1.92 19.32 -11.51
CA ASN A 132 2.61 20.29 -10.68
C ASN A 132 4.01 19.80 -10.29
N LEU A 133 5.02 20.65 -10.42
CA LEU A 133 6.37 20.30 -9.96
C LEU A 133 6.55 20.42 -8.45
N TYR A 134 5.76 21.30 -7.83
CA TYR A 134 5.96 21.62 -6.41
C TYR A 134 4.64 21.91 -5.73
N HIS A 135 4.44 21.28 -4.57
CA HIS A 135 3.24 21.51 -3.80
C HIS A 135 3.62 21.44 -2.31
N TYR A 136 4.28 22.51 -1.85
CA TYR A 136 4.73 22.70 -0.45
C TYR A 136 5.86 21.81 0.05
N ASP A 137 6.37 20.91 -0.78
CA ASP A 137 7.17 19.79 -0.30
C ASP A 137 8.66 19.89 -0.63
N LEU A 138 9.24 21.04 -0.33
CA LEU A 138 10.68 21.23 -0.50
C LEU A 138 11.48 20.09 0.15
N PRO A 139 12.46 19.50 -0.58
CA PRO A 139 13.36 18.53 0.00
C PRO A 139 14.03 19.10 1.26
N LEU A 140 14.00 18.33 2.34
CA LEU A 140 14.54 18.79 3.61
C LEU A 140 16.00 19.15 3.44
N ALA A 141 16.72 18.43 2.60
CA ALA A 141 18.16 18.71 2.40
C ALA A 141 18.41 20.14 1.88
N LEU A 142 17.50 20.64 1.03
CA LEU A 142 17.65 22.00 0.47
C LEU A 142 17.31 23.05 1.48
N GLU A 143 16.33 22.77 2.35
CA GLU A 143 16.02 23.69 3.42
C GLU A 143 17.26 23.86 4.32
N LYS A 144 17.86 22.73 4.69
CA LYS A 144 19.01 22.76 5.61
C LYS A 144 20.29 23.31 4.98
N LYS A 145 20.52 22.99 3.72
CA LYS A 145 21.78 23.37 3.08
C LYS A 145 21.76 24.81 2.55
N TYR A 146 20.60 25.24 2.04
CA TYR A 146 20.50 26.54 1.36
C TYR A 146 19.60 27.58 2.04
N GLY A 147 18.78 27.13 2.99
CA GLY A 147 17.81 28.00 3.64
C GLY A 147 16.52 28.10 2.82
N GLY A 148 16.30 27.14 1.93
CA GLY A 148 15.03 27.10 1.17
C GLY A 148 14.75 28.38 0.42
N TRP A 149 13.48 28.81 0.43
CA TRP A 149 13.02 29.90 -0.42
C TRP A 149 13.51 31.29 -0.01
N LEU A 150 14.24 31.37 1.10
CA LEU A 150 14.92 32.63 1.43
C LEU A 150 16.14 32.86 0.53
N ASN A 151 16.64 31.81 -0.11
CA ASN A 151 17.90 31.87 -0.91
C ASN A 151 17.59 31.99 -2.40
N ALA A 152 18.07 33.07 -3.01
CA ALA A 152 17.91 33.27 -4.47
C ALA A 152 18.42 32.09 -5.32
N LYS A 153 19.36 31.30 -4.77
CA LYS A 153 19.87 30.09 -5.42
C LYS A 153 18.78 29.04 -5.75
N MET A 154 17.63 29.15 -5.08
CA MET A 154 16.51 28.29 -5.40
C MET A 154 16.14 28.35 -6.87
N ALA A 155 16.35 29.49 -7.53
CA ALA A 155 16.04 29.56 -8.97
C ALA A 155 16.82 28.52 -9.77
N ASP A 156 18.12 28.44 -9.51
CA ASP A 156 18.97 27.47 -10.18
C ASP A 156 18.59 26.05 -9.75
N LEU A 157 18.34 25.85 -8.46
CA LEU A 157 18.04 24.49 -7.96
C LEU A 157 16.71 23.97 -8.51
N PHE A 158 15.71 24.84 -8.49
CA PHE A 158 14.40 24.48 -9.05
C PHE A 158 14.47 24.29 -10.58
N THR A 159 15.24 25.12 -11.27
CA THR A 159 15.35 24.97 -12.73
C THR A 159 15.98 23.64 -13.11
N GLU A 160 17.00 23.21 -12.36
CA GLU A 160 17.64 21.93 -12.64
C GLU A 160 16.69 20.74 -12.41
N TYR A 161 15.89 20.83 -11.36
CA TYR A 161 14.85 19.84 -11.09
C TYR A 161 13.79 19.86 -12.18
N ALA A 162 13.32 21.05 -12.55
CA ALA A 162 12.34 21.18 -13.63
C ALA A 162 12.87 20.61 -14.96
N ASP A 163 14.13 20.92 -15.26
CA ASP A 163 14.76 20.45 -16.48
C ASP A 163 14.74 18.93 -16.53
N PHE A 164 15.09 18.30 -15.42
CA PHE A 164 14.98 16.84 -15.33
C PHE A 164 13.58 16.32 -15.64
N CYS A 165 12.58 16.90 -14.99
CA CYS A 165 11.19 16.49 -15.24
C CYS A 165 10.75 16.73 -16.69
N PHE A 166 11.10 17.88 -17.27
CA PHE A 166 10.78 18.10 -18.70
C PHE A 166 11.41 17.01 -19.59
N LYS A 167 12.70 16.77 -19.42
CA LYS A 167 13.43 15.77 -20.20
C LYS A 167 12.83 14.36 -20.05
N THR A 168 12.51 14.01 -18.81
CA THR A 168 12.10 12.65 -18.48
C THR A 168 10.63 12.35 -18.78
N PHE A 169 9.75 13.34 -18.59
CA PHE A 169 8.30 13.11 -18.72
C PHE A 169 7.64 13.92 -19.83
N GLY A 170 8.34 14.93 -20.34
CA GLY A 170 7.69 15.92 -21.21
C GLY A 170 7.32 15.47 -22.62
N ASN A 171 7.80 14.30 -23.03
CA ASN A 171 7.29 13.75 -24.32
C ASN A 171 5.83 13.30 -24.19
N ARG A 172 5.41 13.07 -22.95
CA ARG A 172 4.05 12.65 -22.66
C ARG A 172 3.23 13.72 -21.95
N VAL A 173 3.85 14.41 -20.99
CA VAL A 173 3.18 15.47 -20.23
C VAL A 173 3.24 16.80 -20.99
N LYS A 174 2.07 17.37 -21.29
CA LYS A 174 1.99 18.62 -22.09
C LYS A 174 1.41 19.81 -21.32
N HIS A 175 1.02 19.58 -20.06
CA HIS A 175 0.42 20.61 -19.22
C HIS A 175 1.10 20.57 -17.87
N TRP A 176 1.96 21.55 -17.62
CA TRP A 176 2.77 21.65 -16.41
C TRP A 176 2.35 22.83 -15.56
N PHE A 177 2.53 22.73 -14.25
CA PHE A 177 2.54 23.89 -13.37
C PHE A 177 3.83 23.82 -12.54
N THR A 178 4.40 24.98 -12.28
CA THR A 178 5.62 25.05 -11.45
C THR A 178 5.23 24.94 -9.97
N PHE A 179 4.56 25.97 -9.45
CA PHE A 179 4.22 26.04 -8.02
C PHE A 179 2.74 26.01 -7.71
N ASN A 180 2.42 25.67 -6.45
CA ASN A 180 1.06 25.70 -5.93
C ASN A 180 0.97 26.69 -4.77
N GLU A 181 0.21 27.76 -4.95
CA GLU A 181 -0.06 28.77 -3.90
C GLU A 181 1.21 29.27 -3.17
N PRO A 182 2.13 29.91 -3.89
CA PRO A 182 3.28 30.48 -3.20
C PRO A 182 2.85 31.53 -2.14
N ARG A 183 1.68 32.14 -2.30
CA ARG A 183 1.20 33.10 -1.26
C ARG A 183 1.07 32.41 0.10
N ILE A 184 0.58 31.17 0.09
CA ILE A 184 0.33 30.42 1.32
C ILE A 184 1.66 29.98 1.93
N VAL A 185 2.63 29.61 1.08
CA VAL A 185 3.97 29.35 1.58
C VAL A 185 4.52 30.58 2.30
N ALA A 186 4.44 31.74 1.63
CA ALA A 186 4.93 32.98 2.22
C ALA A 186 4.17 33.34 3.51
N LEU A 187 2.84 33.27 3.46
CA LEU A 187 1.99 33.65 4.59
C LEU A 187 2.18 32.73 5.81
N LEU A 188 2.00 31.43 5.60
CA LEU A 188 1.99 30.48 6.73
C LEU A 188 3.39 30.04 7.14
N GLY A 189 4.31 30.02 6.18
CA GLY A 189 5.68 29.63 6.45
C GLY A 189 6.55 30.72 7.02
N TYR A 190 6.26 31.99 6.72
CA TYR A 190 7.23 33.06 6.99
C TYR A 190 6.61 34.31 7.60
N ASP A 191 5.28 34.41 7.58
CA ASP A 191 4.56 35.53 8.24
C ASP A 191 4.03 35.03 9.58
N GLN A 192 3.06 34.13 9.55
CA GLN A 192 2.45 33.61 10.77
C GLN A 192 3.32 32.53 11.43
N GLY A 193 4.12 31.85 10.62
CA GLY A 193 5.00 30.79 11.09
C GLY A 193 4.30 29.53 11.58
N THR A 194 3.16 29.19 11.00
CA THR A 194 2.42 28.01 11.46
C THR A 194 2.66 26.79 10.58
N ASN A 195 3.21 27.01 9.38
CA ASN A 195 3.58 25.92 8.49
C ASN A 195 5.09 25.94 8.30
N PRO A 196 5.69 24.84 7.82
CA PRO A 196 7.16 24.82 7.73
C PRO A 196 7.65 25.89 6.76
N PRO A 197 8.82 26.52 7.04
CA PRO A 197 9.77 26.24 8.13
C PRO A 197 9.46 26.90 9.49
N LYS A 198 8.22 27.31 9.72
CA LYS A 198 7.80 27.89 11.01
C LYS A 198 8.57 29.16 11.37
N ARG A 199 8.70 30.06 10.40
CA ARG A 199 9.46 31.28 10.63
C ARG A 199 8.54 32.47 10.83
N CYS A 200 8.89 33.32 11.78
CA CYS A 200 8.10 34.54 12.03
C CYS A 200 8.87 35.39 13.03
N THR A 201 8.41 36.60 13.25
CA THR A 201 9.11 37.49 14.17
C THR A 201 9.23 36.85 15.57
N LYS A 202 8.15 36.29 16.09
CA LYS A 202 8.27 35.67 17.43
C LYS A 202 8.97 34.28 17.47
N CYS A 203 9.07 33.63 16.32
CA CYS A 203 9.21 32.17 16.24
C CYS A 203 10.55 31.60 16.71
N ALA A 204 10.49 30.41 17.33
CA ALA A 204 11.69 29.73 17.80
C ALA A 204 12.74 29.53 16.69
N ALA A 205 12.27 29.21 15.49
CA ALA A 205 13.19 28.99 14.37
C ALA A 205 13.85 30.26 13.83
N GLY A 206 13.41 31.42 14.30
CA GLY A 206 13.86 32.70 13.76
C GLY A 206 12.86 33.26 12.75
N GLY A 207 13.22 34.39 12.16
CA GLY A 207 12.41 34.97 11.10
C GLY A 207 12.06 36.43 11.32
N ASN A 208 11.28 36.95 10.39
CA ASN A 208 10.87 38.34 10.36
C ASN A 208 9.65 38.41 9.47
N SER A 209 8.48 38.53 10.09
CA SER A 209 7.20 38.51 9.39
C SER A 209 7.01 39.70 8.43
N ALA A 210 7.78 40.77 8.63
CA ALA A 210 7.70 41.97 7.79
C ALA A 210 8.56 41.94 6.53
N THR A 211 9.51 41.00 6.47
CA THR A 211 10.46 40.99 5.34
C THR A 211 10.50 39.66 4.61
N GLU A 212 10.49 38.57 5.37
CA GLU A 212 10.71 37.26 4.79
C GLU A 212 9.60 36.83 3.81
N PRO A 213 8.32 37.14 4.11
CA PRO A 213 7.29 36.75 3.11
C PRO A 213 7.57 37.35 1.73
N TYR A 214 8.11 38.57 1.70
CA TYR A 214 8.34 39.24 0.42
C TYR A 214 9.55 38.64 -0.28
N ILE A 215 10.57 38.29 0.49
CA ILE A 215 11.75 37.62 -0.07
C ILE A 215 11.35 36.30 -0.73
N VAL A 216 10.53 35.53 0.00
CA VAL A 216 10.07 34.22 -0.44
C VAL A 216 9.25 34.32 -1.73
N ALA A 217 8.32 35.28 -1.77
CA ALA A 217 7.46 35.41 -2.97
C ALA A 217 8.30 35.79 -4.19
N HIS A 218 9.31 36.64 -3.96
CA HIS A 218 10.18 37.10 -5.03
C HIS A 218 10.94 35.89 -5.58
N ASN A 219 11.45 35.06 -4.69
CA ASN A 219 12.19 33.88 -5.13
C ASN A 219 11.32 32.86 -5.86
N PHE A 220 10.05 32.72 -5.46
CA PHE A 220 9.12 31.88 -6.23
C PHE A 220 8.92 32.40 -7.65
N LEU A 221 8.71 33.71 -7.77
CA LEU A 221 8.53 34.33 -9.10
C LEU A 221 9.77 34.19 -9.97
N LEU A 222 10.95 34.44 -9.39
CA LEU A 222 12.19 34.30 -10.16
C LEU A 222 12.47 32.84 -10.55
N SER A 223 12.15 31.91 -9.66
CA SER A 223 12.35 30.49 -9.95
C SER A 223 11.38 30.00 -11.01
N HIS A 224 10.12 30.44 -10.91
CA HIS A 224 9.12 30.11 -11.94
C HIS A 224 9.62 30.61 -13.28
N ALA A 225 10.05 31.87 -13.32
CA ALA A 225 10.46 32.48 -14.58
C ALA A 225 11.67 31.74 -15.18
N ALA A 226 12.60 31.33 -14.33
CA ALA A 226 13.81 30.64 -14.79
C ALA A 226 13.48 29.25 -15.33
N ALA A 227 12.54 28.55 -14.67
CA ALA A 227 12.15 27.21 -15.10
C ALA A 227 11.44 27.28 -16.46
N VAL A 228 10.63 28.32 -16.66
CA VAL A 228 9.86 28.48 -17.92
C VAL A 228 10.80 28.89 -19.05
N ALA A 229 11.76 29.76 -18.73
CA ALA A 229 12.78 30.09 -19.71
C ALA A 229 13.54 28.84 -20.20
N ARG A 230 13.88 27.95 -19.29
CA ARG A 230 14.54 26.66 -19.64
C ARG A 230 13.60 25.82 -20.49
N TYR A 231 12.32 25.71 -20.11
CA TYR A 231 11.38 24.95 -20.93
C TYR A 231 11.36 25.49 -22.34
N ARG A 232 11.21 26.80 -22.44
CA ARG A 232 10.99 27.43 -23.74
C ARG A 232 12.22 27.37 -24.65
N THR A 233 13.39 27.52 -24.06
CA THR A 233 14.61 27.52 -24.85
C THR A 233 15.12 26.13 -25.22
N LYS A 234 14.85 25.13 -24.37
CA LYS A 234 15.41 23.77 -24.57
C LYS A 234 14.42 22.67 -24.99
N TYR A 235 13.19 22.76 -24.49
CA TYR A 235 12.23 21.66 -24.61
C TYR A 235 11.00 21.93 -25.44
N GLN A 236 10.60 23.19 -25.54
CA GLN A 236 9.30 23.50 -26.11
C GLN A 236 9.19 23.14 -27.59
N ALA A 237 10.27 23.32 -28.33
CA ALA A 237 10.22 23.05 -29.78
C ALA A 237 9.83 21.59 -30.07
N ALA A 238 10.46 20.67 -29.35
CA ALA A 238 10.20 19.24 -29.53
C ALA A 238 8.90 18.84 -28.85
N GLN A 239 8.68 19.35 -27.63
CA GLN A 239 7.58 18.79 -26.80
C GLN A 239 6.23 19.48 -27.00
N GLN A 240 6.25 20.77 -27.28
CA GLN A 240 5.04 21.52 -27.63
C GLN A 240 3.99 21.52 -26.54
N GLY A 241 4.44 21.64 -25.29
CA GLY A 241 3.53 21.67 -24.13
C GLY A 241 3.49 23.09 -23.59
N LYS A 242 2.95 23.25 -22.40
CA LYS A 242 2.71 24.56 -21.80
C LYS A 242 3.14 24.46 -20.34
N VAL A 243 3.46 25.59 -19.73
CA VAL A 243 3.79 25.62 -18.30
C VAL A 243 3.09 26.84 -17.69
N GLY A 244 2.37 26.62 -16.59
CA GLY A 244 1.77 27.72 -15.85
C GLY A 244 2.15 27.68 -14.37
N ILE A 245 1.35 28.36 -13.56
CA ILE A 245 1.54 28.44 -12.13
C ILE A 245 0.16 28.43 -11.48
N VAL A 246 0.08 27.94 -10.26
CA VAL A 246 -1.18 27.88 -9.53
C VAL A 246 -1.11 28.88 -8.37
N LEU A 247 -2.08 29.80 -8.35
CA LEU A 247 -2.17 30.86 -7.33
C LEU A 247 -3.51 30.77 -6.59
N ASP A 248 -3.50 30.95 -5.27
CA ASP A 248 -4.80 31.00 -4.58
C ASP A 248 -5.40 32.40 -4.73
N PHE A 249 -6.72 32.44 -4.86
CA PHE A 249 -7.40 33.69 -4.88
C PHE A 249 -8.76 33.49 -4.25
N ASN A 250 -8.93 34.05 -3.05
CA ASN A 250 -10.27 34.14 -2.48
C ASN A 250 -10.78 35.56 -2.65
N TRP A 251 -12.10 35.69 -2.81
CA TRP A 251 -12.67 36.96 -3.20
C TRP A 251 -12.74 37.95 -2.03
N TYR A 252 -12.60 39.23 -2.34
CA TYR A 252 -12.80 40.32 -1.36
C TYR A 252 -13.86 41.25 -1.88
N GLU A 253 -14.91 41.42 -1.08
CA GLU A 253 -16.02 42.30 -1.41
C GLU A 253 -16.07 43.49 -0.45
N ALA A 254 -16.15 44.71 -0.99
CA ALA A 254 -16.28 45.89 -0.11
C ALA A 254 -17.50 45.75 0.78
N LEU A 255 -17.34 46.05 2.07
CA LEU A 255 -18.47 45.98 3.01
C LEU A 255 -19.58 46.96 2.65
N SER A 256 -19.19 48.14 2.17
CA SER A 256 -20.14 49.18 1.72
C SER A 256 -19.56 49.84 0.47
N ASN A 257 -20.37 50.69 -0.17
CA ASN A 257 -19.88 51.45 -1.33
C ASN A 257 -19.06 52.69 -0.97
N SER A 258 -18.68 52.85 0.31
CA SER A 258 -17.80 53.96 0.68
C SER A 258 -16.47 53.89 -0.06
N THR A 259 -15.86 55.05 -0.26
CA THR A 259 -14.56 55.12 -0.92
C THR A 259 -13.54 54.31 -0.11
N GLU A 260 -13.61 54.39 1.22
CA GLU A 260 -12.61 53.69 1.99
C GLU A 260 -12.83 52.16 2.03
N ASP A 261 -14.07 51.70 1.99
CA ASP A 261 -14.32 50.26 1.95
C ASP A 261 -13.97 49.67 0.58
N GLN A 262 -14.33 50.38 -0.50
CA GLN A 262 -13.95 49.94 -1.84
C GLN A 262 -12.43 49.92 -2.02
N ALA A 263 -11.73 50.89 -1.42
CA ALA A 263 -10.27 50.91 -1.50
C ALA A 263 -9.68 49.74 -0.70
N ALA A 264 -10.26 49.43 0.46
CA ALA A 264 -9.82 48.26 1.24
C ALA A 264 -9.97 46.96 0.46
N ALA A 265 -11.14 46.71 -0.13
CA ALA A 265 -11.31 45.47 -0.88
C ALA A 265 -10.30 45.38 -2.01
N GLN A 266 -10.03 46.52 -2.65
CA GLN A 266 -9.08 46.53 -3.76
C GLN A 266 -7.64 46.31 -3.29
N ARG A 267 -7.28 46.86 -2.13
CA ARG A 267 -5.96 46.63 -1.53
C ARG A 267 -5.76 45.14 -1.21
N ALA A 268 -6.80 44.52 -0.68
CA ALA A 268 -6.74 43.10 -0.35
C ALA A 268 -6.54 42.29 -1.62
N ARG A 269 -7.22 42.63 -2.72
CA ARG A 269 -7.05 41.91 -3.98
C ARG A 269 -5.60 42.02 -4.46
N ASP A 270 -5.07 43.24 -4.41
CA ASP A 270 -3.70 43.51 -4.84
C ASP A 270 -2.66 42.77 -3.98
N PHE A 271 -2.84 42.76 -2.66
CA PHE A 271 -1.90 42.03 -1.77
C PHE A 271 -2.07 40.49 -1.84
N HIS A 272 -3.24 40.04 -2.27
CA HIS A 272 -3.51 38.60 -2.35
C HIS A 272 -3.08 38.00 -3.70
N ILE A 273 -3.71 38.47 -4.78
CA ILE A 273 -3.47 37.90 -6.10
C ILE A 273 -2.56 38.79 -6.95
N GLY A 274 -2.68 40.10 -6.81
CA GLY A 274 -1.87 41.01 -7.62
C GLY A 274 -0.39 40.87 -7.34
N TRP A 275 -0.06 40.54 -6.09
CA TRP A 275 1.32 40.24 -5.67
C TRP A 275 2.04 39.32 -6.68
N TYR A 276 1.32 38.34 -7.23
CA TYR A 276 1.89 37.41 -8.25
C TYR A 276 1.44 37.74 -9.67
N LEU A 277 0.17 38.11 -9.84
CA LEU A 277 -0.35 38.38 -11.18
C LEU A 277 0.20 39.63 -11.82
N ASP A 278 0.44 40.70 -11.05
CA ASP A 278 1.00 41.90 -11.71
C ASP A 278 2.41 41.61 -12.23
N PRO A 279 3.23 40.88 -11.46
CA PRO A 279 4.51 40.54 -12.08
C PRO A 279 4.36 39.61 -13.30
N LEU A 280 3.53 38.58 -13.17
CA LEU A 280 3.37 37.61 -14.27
C LEU A 280 2.73 38.21 -15.52
N ILE A 281 1.83 39.18 -15.35
CA ILE A 281 1.13 39.75 -16.53
C ILE A 281 1.78 41.06 -16.98
N ASN A 282 2.16 41.88 -16.02
CA ASN A 282 2.54 43.26 -16.31
C ASN A 282 4.01 43.54 -16.06
N GLY A 283 4.71 42.60 -15.43
CA GLY A 283 6.16 42.76 -15.16
C GLY A 283 6.52 43.70 -14.01
N HIS A 284 5.60 43.95 -13.09
CA HIS A 284 5.93 44.72 -11.88
C HIS A 284 5.01 44.35 -10.73
N TYR A 285 5.43 44.63 -9.50
CA TYR A 285 4.50 44.44 -8.39
C TYR A 285 3.39 45.48 -8.41
N PRO A 286 2.24 45.18 -7.75
CA PRO A 286 1.17 46.16 -7.69
C PRO A 286 1.68 47.48 -7.10
N GLN A 287 1.20 48.59 -7.66
CA GLN A 287 1.59 49.91 -7.18
C GLN A 287 1.35 50.08 -5.68
N ILE A 288 0.20 49.63 -5.17
CA ILE A 288 -0.11 49.80 -3.75
C ILE A 288 0.92 49.09 -2.86
N MET A 289 1.39 47.92 -3.32
CA MET A 289 2.44 47.21 -2.58
C MET A 289 3.77 47.96 -2.62
N GLN A 290 4.12 48.49 -3.80
CA GLN A 290 5.32 49.33 -3.90
C GLN A 290 5.24 50.53 -2.96
N ASP A 291 4.05 51.13 -2.91
CA ASP A 291 3.81 52.33 -2.08
C ASP A 291 3.83 52.07 -0.58
N LEU A 292 3.28 50.94 -0.15
CA LEU A 292 3.17 50.66 1.30
C LEU A 292 4.31 49.83 1.87
N VAL A 293 4.83 48.90 1.09
CA VAL A 293 5.84 47.96 1.58
C VAL A 293 7.24 48.54 1.36
N LYS A 294 7.36 49.36 0.33
CA LYS A 294 8.55 50.18 0.08
C LYS A 294 9.84 49.36 -0.01
N ASP A 295 10.82 49.68 0.81
CA ASP A 295 12.11 49.01 0.69
C ASP A 295 12.08 47.55 1.16
N ARG A 296 11.00 47.14 1.81
CA ARG A 296 10.84 45.72 2.16
C ARG A 296 10.39 44.86 0.96
N LEU A 297 9.95 45.49 -0.12
CA LEU A 297 9.55 44.73 -1.31
C LEU A 297 10.73 44.69 -2.28
N PRO A 298 11.25 43.49 -2.59
CA PRO A 298 12.41 43.44 -3.52
C PRO A 298 12.09 44.04 -4.90
N LYS A 299 13.11 44.54 -5.57
CA LYS A 299 12.91 45.14 -6.88
C LYS A 299 13.41 44.21 -7.96
N PHE A 300 12.56 43.91 -8.94
CA PHE A 300 13.03 43.24 -10.15
C PHE A 300 13.91 44.21 -10.91
N THR A 301 15.04 43.71 -11.40
CA THR A 301 15.81 44.43 -12.41
C THR A 301 15.00 44.42 -13.72
N PRO A 302 15.30 45.36 -14.65
CA PRO A 302 14.56 45.29 -15.94
C PRO A 302 14.60 43.91 -16.59
N GLU A 303 15.78 43.27 -16.57
CA GLU A 303 15.97 41.95 -17.16
C GLU A 303 15.11 40.87 -16.49
N GLN A 304 15.10 40.86 -15.16
CA GLN A 304 14.26 39.92 -14.40
C GLN A 304 12.77 40.15 -14.66
N ALA A 305 12.36 41.41 -14.67
CA ALA A 305 10.94 41.74 -14.92
C ALA A 305 10.51 41.26 -16.29
N ARG A 306 11.41 41.35 -17.27
CA ARG A 306 11.10 40.89 -18.62
C ARG A 306 11.09 39.36 -18.70
N LEU A 307 11.84 38.72 -17.81
CA LEU A 307 11.81 37.25 -17.76
C LEU A 307 10.52 36.73 -17.09
N VAL A 308 10.06 37.43 -16.05
CA VAL A 308 8.85 37.07 -15.32
C VAL A 308 7.56 37.39 -16.12
N LYS A 309 7.55 38.57 -16.75
CA LYS A 309 6.38 38.99 -17.52
C LYS A 309 6.15 38.00 -18.66
N GLY A 310 4.92 37.53 -18.76
CA GLY A 310 4.50 36.60 -19.83
C GLY A 310 4.98 35.17 -19.65
N SER A 311 5.53 34.85 -18.48
CA SER A 311 6.12 33.51 -18.23
C SER A 311 5.13 32.44 -17.81
N ALA A 312 3.83 32.75 -17.77
CA ALA A 312 2.81 31.73 -17.51
C ALA A 312 1.90 31.56 -18.71
N ASP A 313 1.89 30.34 -19.25
CA ASP A 313 1.06 30.03 -20.42
C ASP A 313 -0.42 29.98 -20.07
N TYR A 314 -0.71 29.71 -18.81
CA TYR A 314 -2.06 29.86 -18.27
C TYR A 314 -1.92 30.13 -16.80
N ILE A 315 -2.96 30.69 -16.20
CA ILE A 315 -2.93 30.97 -14.76
C ILE A 315 -3.88 30.00 -14.07
N GLY A 316 -3.34 29.16 -13.19
CA GLY A 316 -4.19 28.30 -12.38
C GLY A 316 -4.66 29.13 -11.20
N ILE A 317 -5.97 29.10 -10.95
CA ILE A 317 -6.51 29.76 -9.76
C ILE A 317 -7.20 28.73 -8.85
N ASN A 318 -6.74 28.67 -7.60
CA ASN A 318 -7.43 27.94 -6.56
C ASN A 318 -8.41 28.89 -5.84
N GLN A 319 -9.71 28.59 -5.95
CA GLN A 319 -10.75 29.49 -5.47
C GLN A 319 -11.64 28.74 -4.49
N TYR A 320 -11.83 29.28 -3.30
CA TYR A 320 -12.66 28.61 -2.30
C TYR A 320 -13.72 29.50 -1.69
N THR A 321 -13.37 30.74 -1.36
CA THR A 321 -14.22 31.51 -0.47
C THR A 321 -14.18 33.00 -0.74
N ALA A 322 -14.86 33.77 0.12
CA ALA A 322 -14.94 35.21 -0.02
C ALA A 322 -15.05 35.85 1.37
N SER A 323 -14.67 37.12 1.46
CA SER A 323 -14.72 37.85 2.73
C SER A 323 -15.20 39.24 2.41
N TYR A 324 -15.89 39.88 3.36
CA TYR A 324 -16.12 41.33 3.27
C TYR A 324 -14.90 42.07 3.84
N MET A 325 -14.60 43.24 3.28
CA MET A 325 -13.49 44.07 3.73
C MET A 325 -13.95 45.47 4.11
N LYS A 326 -13.50 45.93 5.27
CA LYS A 326 -13.76 47.27 5.78
C LYS A 326 -12.46 48.06 5.78
N GLY A 327 -12.54 49.32 5.40
CA GLY A 327 -11.37 50.15 5.29
C GLY A 327 -11.20 51.08 6.46
N GLN A 328 -10.26 52.00 6.27
CA GLN A 328 -9.73 52.86 7.30
C GLN A 328 -8.88 53.90 6.54
N GLN A 329 -8.55 55.00 7.18
CA GLN A 329 -7.57 55.93 6.61
C GLN A 329 -6.23 55.21 6.58
N LEU A 330 -5.53 55.27 5.44
CA LEU A 330 -4.17 54.72 5.37
C LEU A 330 -3.23 55.49 6.30
N MET A 331 -2.59 54.76 7.22
CA MET A 331 -1.74 55.33 8.27
C MET A 331 -0.28 55.05 7.98
N GLN A 332 0.59 55.89 8.52
CA GLN A 332 2.00 55.59 8.56
C GLN A 332 2.22 54.67 9.76
N GLN A 333 2.80 53.49 9.54
CA GLN A 333 2.94 52.50 10.61
C GLN A 333 4.29 51.81 10.61
N THR A 334 4.82 51.53 11.79
CA THR A 334 5.98 50.63 11.92
C THR A 334 5.60 49.28 11.31
N PRO A 335 6.41 48.78 10.37
CA PRO A 335 6.09 47.49 9.73
C PRO A 335 6.10 46.37 10.76
N THR A 336 5.09 45.52 10.71
CA THR A 336 5.07 44.33 11.55
C THR A 336 4.96 43.03 10.75
N SER A 337 4.10 43.01 9.72
CA SER A 337 3.94 41.78 8.95
C SER A 337 3.34 42.02 7.58
N TYR A 338 3.54 41.07 6.67
CA TYR A 338 2.84 41.08 5.38
C TYR A 338 1.34 41.26 5.60
N SER A 339 0.78 40.53 6.55
CA SER A 339 -0.67 40.61 6.82
C SER A 339 -1.13 42.00 7.24
N ALA A 340 -0.38 42.61 8.17
CA ALA A 340 -0.71 43.95 8.66
C ALA A 340 -0.47 45.04 7.61
N ASP A 341 0.39 44.75 6.64
CA ASP A 341 0.72 45.71 5.58
C ASP A 341 -0.49 46.11 4.75
N TRP A 342 -1.50 45.23 4.67
CA TRP A 342 -2.67 45.52 3.85
C TRP A 342 -3.52 46.68 4.39
N GLN A 343 -3.46 46.92 5.70
CA GLN A 343 -4.32 47.94 6.36
C GLN A 343 -5.80 47.77 6.00
N VAL A 344 -6.29 46.57 6.20
CA VAL A 344 -7.72 46.27 6.00
C VAL A 344 -8.27 45.57 7.24
N THR A 345 -9.60 45.53 7.33
CA THR A 345 -10.29 44.87 8.42
C THR A 345 -11.26 43.85 7.82
N TYR A 346 -11.08 42.58 8.21
CA TYR A 346 -11.94 41.49 7.75
C TYR A 346 -13.29 41.57 8.44
N VAL A 347 -14.35 41.32 7.66
CA VAL A 347 -15.72 41.26 8.20
C VAL A 347 -16.47 40.09 7.56
N PHE A 348 -17.19 39.31 8.37
CA PHE A 348 -17.87 38.13 7.82
C PHE A 348 -19.40 38.19 7.81
N ALA A 349 -19.94 39.38 8.08
CA ALA A 349 -21.38 39.64 7.91
C ALA A 349 -21.64 41.03 7.33
N LYS A 350 -22.79 41.18 6.69
CA LYS A 350 -23.21 42.46 6.12
C LYS A 350 -24.71 42.51 6.31
N ASN A 351 -25.21 43.68 6.74
CA ASN A 351 -26.64 43.85 7.03
C ASN A 351 -27.16 42.79 8.00
N GLY A 352 -26.30 42.39 8.94
CA GLY A 352 -26.64 41.41 9.96
C GLY A 352 -26.67 39.97 9.52
N LYS A 353 -26.17 39.70 8.31
CA LYS A 353 -26.21 38.34 7.74
C LYS A 353 -24.81 37.85 7.44
N PRO A 354 -24.47 36.62 7.85
CA PRO A 354 -23.15 36.11 7.48
C PRO A 354 -23.02 36.00 5.97
N ILE A 355 -21.81 36.17 5.46
CA ILE A 355 -21.53 36.07 4.03
C ILE A 355 -21.86 34.68 3.48
N GLY A 356 -21.77 33.68 4.36
CA GLY A 356 -22.16 32.32 4.03
C GLY A 356 -21.94 31.41 5.22
N PRO A 357 -22.45 30.16 5.16
CA PRO A 357 -22.16 29.20 6.25
C PRO A 357 -20.74 28.65 6.07
N GLN A 358 -20.15 28.15 7.14
CA GLN A 358 -18.80 27.60 7.07
C GLN A 358 -18.83 26.12 6.79
N ALA A 359 -17.85 25.65 6.00
CA ALA A 359 -17.58 24.22 5.87
C ALA A 359 -16.81 23.79 7.13
N ASN A 360 -16.17 22.63 7.13
CA ASN A 360 -15.40 22.22 8.32
C ASN A 360 -14.23 23.17 8.64
N SER A 361 -13.52 23.59 7.60
CA SER A 361 -12.40 24.52 7.77
C SER A 361 -12.94 25.92 8.13
N ASN A 362 -12.43 26.49 9.22
CA ASN A 362 -12.97 27.76 9.73
C ASN A 362 -12.87 28.91 8.72
N TRP A 363 -11.84 28.87 7.88
CA TRP A 363 -11.61 29.89 6.87
C TRP A 363 -12.49 29.75 5.65
N LEU A 364 -13.17 28.61 5.53
CA LEU A 364 -13.88 28.29 4.30
C LEU A 364 -15.36 28.63 4.38
N TYR A 365 -15.71 29.85 4.01
CA TYR A 365 -17.11 30.24 3.97
C TYR A 365 -17.67 29.88 2.61
N ILE A 366 -18.85 29.30 2.60
CA ILE A 366 -19.44 28.85 1.35
C ILE A 366 -20.13 30.03 0.69
N VAL A 367 -19.47 30.57 -0.34
CA VAL A 367 -19.91 31.81 -1.01
C VAL A 367 -19.76 31.64 -2.53
N PRO A 368 -20.77 31.05 -3.19
CA PRO A 368 -20.57 30.73 -4.60
C PRO A 368 -20.30 31.96 -5.45
N TRP A 369 -20.90 33.10 -5.11
CA TRP A 369 -20.63 34.31 -5.91
C TRP A 369 -19.17 34.82 -5.86
N GLY A 370 -18.39 34.34 -4.87
CA GLY A 370 -16.93 34.62 -4.86
C GLY A 370 -16.20 34.09 -6.10
N MET A 371 -16.67 32.94 -6.60
CA MET A 371 -16.13 32.35 -7.83
C MET A 371 -16.32 33.31 -9.01
N TYR A 372 -17.56 33.80 -9.19
CA TYR A 372 -17.80 34.81 -10.22
C TYR A 372 -16.96 36.06 -9.96
N GLY A 373 -16.94 36.54 -8.72
CA GLY A 373 -16.13 37.71 -8.38
C GLY A 373 -14.69 37.61 -8.89
N CYS A 374 -14.02 36.51 -8.52
CA CYS A 374 -12.60 36.29 -8.80
C CYS A 374 -12.35 36.19 -10.30
N VAL A 375 -13.19 35.45 -11.01
CA VAL A 375 -12.98 35.17 -12.42
C VAL A 375 -13.25 36.45 -13.24
N ASN A 376 -14.36 37.12 -12.92
CA ASN A 376 -14.67 38.40 -13.55
C ASN A 376 -13.56 39.43 -13.34
N TYR A 377 -13.05 39.49 -12.12
CA TYR A 377 -12.00 40.46 -11.78
C TYR A 377 -10.75 40.22 -12.60
N ILE A 378 -10.29 38.97 -12.66
CA ILE A 378 -9.09 38.64 -13.45
C ILE A 378 -9.35 38.96 -14.93
N LYS A 379 -10.56 38.68 -15.41
CA LYS A 379 -10.87 38.96 -16.81
C LYS A 379 -10.71 40.45 -17.09
N GLN A 380 -11.30 41.27 -16.21
CA GLN A 380 -11.40 42.72 -16.44
C GLN A 380 -10.09 43.45 -16.18
N LYS A 381 -9.29 42.95 -15.24
CA LYS A 381 -8.10 43.69 -14.81
C LYS A 381 -6.84 43.33 -15.58
N TYR A 382 -6.71 42.05 -15.95
CA TYR A 382 -5.46 41.51 -16.51
C TYR A 382 -5.51 41.10 -17.99
N GLY A 383 -6.46 41.69 -18.74
CA GLY A 383 -6.55 41.42 -20.19
C GLY A 383 -7.06 40.02 -20.53
N ASN A 384 -7.89 39.46 -19.64
CA ASN A 384 -8.55 38.18 -19.90
C ASN A 384 -7.57 37.05 -20.24
N PRO A 385 -6.58 36.81 -19.35
CA PRO A 385 -5.62 35.74 -19.59
C PRO A 385 -6.33 34.38 -19.52
N THR A 386 -5.71 33.35 -20.10
CA THR A 386 -6.25 32.00 -19.96
C THR A 386 -6.10 31.54 -18.51
N VAL A 387 -7.25 31.23 -17.91
CA VAL A 387 -7.36 30.81 -16.53
C VAL A 387 -7.83 29.36 -16.49
N VAL A 388 -7.29 28.59 -15.56
CA VAL A 388 -7.80 27.25 -15.28
C VAL A 388 -8.14 27.26 -13.80
N ILE A 389 -9.37 26.91 -13.43
CA ILE A 389 -9.67 26.73 -12.00
C ILE A 389 -8.99 25.43 -11.55
N THR A 390 -7.92 25.56 -10.78
CA THR A 390 -7.10 24.41 -10.49
C THR A 390 -7.42 23.73 -9.15
N SER A 391 -8.32 24.33 -8.35
CA SER A 391 -8.85 23.69 -7.13
C SER A 391 -10.06 24.43 -6.67
N ASN A 392 -11.07 23.68 -6.29
CA ASN A 392 -12.26 24.27 -5.68
C ASN A 392 -12.97 23.10 -4.98
N GLY A 393 -13.45 23.32 -3.76
CA GLY A 393 -14.07 22.23 -2.99
C GLY A 393 -14.29 22.65 -1.55
N MET A 394 -14.85 21.75 -0.74
CA MET A 394 -15.12 22.07 0.66
C MET A 394 -14.98 20.79 1.47
N ASP A 395 -14.87 20.95 2.80
CA ASP A 395 -14.62 19.80 3.64
C ASP A 395 -15.70 19.45 4.65
N GLN A 396 -15.79 18.15 4.94
CA GLN A 396 -16.57 17.60 6.03
C GLN A 396 -15.67 17.42 7.26
N PRO A 397 -16.27 17.40 8.46
CA PRO A 397 -15.49 17.23 9.70
C PRO A 397 -15.11 15.76 9.95
N ALA A 398 -14.28 15.54 10.99
CA ALA A 398 -13.87 14.22 11.46
C ALA A 398 -15.03 13.46 12.09
N ASN A 399 -14.81 12.16 12.28
CA ASN A 399 -15.66 11.36 13.19
C ASN A 399 -17.07 11.04 12.68
N LEU A 400 -17.38 11.31 11.40
CA LEU A 400 -18.67 10.89 10.85
C LEU A 400 -18.59 9.41 10.51
N SER A 401 -19.75 8.80 10.29
CA SER A 401 -19.80 7.42 9.87
C SER A 401 -19.58 7.40 8.38
N ARG A 402 -19.26 6.21 7.87
CA ARG A 402 -19.09 6.06 6.43
C ARG A 402 -20.29 6.63 5.70
N ASP A 403 -21.49 6.20 6.05
CA ASP A 403 -22.67 6.63 5.30
C ASP A 403 -22.90 8.13 5.39
N GLN A 404 -22.55 8.73 6.55
CA GLN A 404 -22.60 10.19 6.68
C GLN A 404 -21.63 10.89 5.72
N TYR A 405 -20.42 10.36 5.55
CA TYR A 405 -19.49 10.94 4.56
C TYR A 405 -20.04 10.86 3.16
N LEU A 406 -20.69 9.74 2.85
CA LEU A 406 -21.17 9.48 1.47
C LEU A 406 -22.38 10.33 1.09
N ARG A 407 -23.21 10.68 2.06
CA ARG A 407 -24.36 11.52 1.78
C ARG A 407 -24.01 13.00 1.87
N ASP A 408 -23.13 13.44 0.97
CA ASP A 408 -22.50 14.74 1.13
C ASP A 408 -23.29 15.81 0.39
N THR A 409 -24.56 15.97 0.77
CA THR A 409 -25.44 16.87 0.04
C THR A 409 -24.96 18.34 0.07
N THR A 410 -24.28 18.78 1.14
CA THR A 410 -23.71 20.14 1.19
C THR A 410 -22.65 20.32 0.10
N ARG A 411 -21.87 19.29 -0.14
CA ARG A 411 -20.84 19.39 -1.20
C ARG A 411 -21.46 19.34 -2.59
N VAL A 412 -22.51 18.54 -2.75
CA VAL A 412 -23.26 18.55 -4.01
C VAL A 412 -23.79 19.98 -4.30
N HIS A 413 -24.42 20.59 -3.30
CA HIS A 413 -24.92 21.95 -3.41
C HIS A 413 -23.75 22.91 -3.70
N PHE A 414 -22.63 22.69 -3.02
CA PHE A 414 -21.43 23.50 -3.22
C PHE A 414 -21.01 23.51 -4.70
N TYR A 415 -20.83 22.33 -5.29
CA TYR A 415 -20.35 22.27 -6.68
C TYR A 415 -21.37 22.82 -7.67
N ARG A 416 -22.64 22.51 -7.46
CA ARG A 416 -23.66 23.01 -8.39
C ARG A 416 -23.68 24.55 -8.38
N SER A 417 -23.66 25.14 -7.20
CA SER A 417 -23.68 26.60 -7.04
C SER A 417 -22.40 27.26 -7.54
N TYR A 418 -21.24 26.76 -7.11
CA TYR A 418 -19.97 27.34 -7.60
C TYR A 418 -19.79 27.18 -9.12
N LEU A 419 -20.14 26.02 -9.66
CA LEU A 419 -20.04 25.82 -11.11
C LEU A 419 -21.05 26.69 -11.90
N THR A 420 -22.22 26.94 -11.33
CA THR A 420 -23.19 27.86 -11.97
C THR A 420 -22.61 29.28 -12.06
N GLN A 421 -21.89 29.68 -11.01
CA GLN A 421 -21.28 31.01 -10.94
C GLN A 421 -20.09 31.12 -11.90
N LEU A 422 -19.32 30.04 -12.02
CA LEU A 422 -18.22 29.98 -12.99
C LEU A 422 -18.81 30.07 -14.41
N LYS A 423 -19.87 29.30 -14.65
CA LYS A 423 -20.57 29.34 -15.95
C LYS A 423 -21.02 30.76 -16.29
N LYS A 424 -21.55 31.48 -15.29
CA LYS A 424 -21.98 32.88 -15.47
C LYS A 424 -20.82 33.76 -15.99
N ALA A 425 -19.67 33.65 -15.34
CA ALA A 425 -18.47 34.37 -15.77
C ALA A 425 -17.98 33.96 -17.16
N ILE A 426 -18.00 32.66 -17.45
CA ILE A 426 -17.55 32.20 -18.74
C ILE A 426 -18.49 32.71 -19.87
N ASP A 427 -19.79 32.68 -19.59
CA ASP A 427 -20.80 33.13 -20.56
C ASP A 427 -20.66 34.65 -20.82
N GLU A 428 -20.08 35.38 -19.86
CA GLU A 428 -19.83 36.82 -20.01
C GLU A 428 -18.48 37.08 -20.67
N GLY A 429 -17.78 36.01 -21.00
CA GLY A 429 -16.58 36.12 -21.84
C GLY A 429 -15.26 35.84 -21.15
N ALA A 430 -15.26 35.38 -19.90
CA ALA A 430 -13.99 35.07 -19.21
C ALA A 430 -13.31 33.85 -19.88
N ASN A 431 -12.00 33.94 -20.10
CA ASN A 431 -11.26 32.91 -20.81
C ASN A 431 -10.83 31.77 -19.87
N VAL A 432 -11.81 31.06 -19.33
CA VAL A 432 -11.53 29.91 -18.46
C VAL A 432 -11.51 28.60 -19.30
N ALA A 433 -10.39 27.89 -19.24
CA ALA A 433 -10.16 26.69 -20.07
C ALA A 433 -10.49 25.37 -19.40
N GLY A 434 -10.63 25.40 -18.08
CA GLY A 434 -10.82 24.15 -17.35
C GLY A 434 -11.15 24.39 -15.89
N TYR A 435 -11.58 23.30 -15.25
CA TYR A 435 -11.99 23.29 -13.86
C TYR A 435 -11.63 21.98 -13.20
N PHE A 436 -11.05 22.06 -12.00
CA PHE A 436 -10.53 20.92 -11.26
C PHE A 436 -11.06 20.95 -9.83
N ALA A 437 -11.68 19.84 -9.41
CA ALA A 437 -12.25 19.72 -8.06
C ALA A 437 -11.18 19.27 -7.07
N TRP A 438 -11.00 20.04 -5.99
CA TRP A 438 -10.20 19.58 -4.84
C TRP A 438 -11.17 18.91 -3.81
N SER A 439 -11.05 17.60 -3.53
CA SER A 439 -10.05 16.69 -4.06
C SER A 439 -10.72 15.43 -4.62
N LEU A 440 -9.99 14.68 -5.45
CA LEU A 440 -10.47 13.34 -5.80
C LEU A 440 -10.79 12.52 -4.54
N LEU A 441 -9.90 12.57 -3.55
CA LEU A 441 -9.98 11.69 -2.36
C LEU A 441 -9.86 12.49 -1.09
N ASP A 442 -10.54 12.05 -0.02
CA ASP A 442 -10.18 12.54 1.30
C ASP A 442 -8.69 12.24 1.49
N ASN A 443 -7.97 13.14 2.15
CA ASN A 443 -6.52 13.01 2.20
C ASN A 443 -5.91 13.68 3.42
N PHE A 444 -4.58 13.81 3.44
CA PHE A 444 -3.89 14.43 4.55
C PHE A 444 -4.01 15.94 4.37
N GLU A 445 -4.83 16.59 5.18
CA GLU A 445 -5.09 18.04 5.00
C GLU A 445 -4.18 18.93 5.88
N TRP A 446 -2.88 18.80 5.64
CA TRP A 446 -1.86 19.65 6.27
C TRP A 446 -2.03 19.73 7.81
N LEU A 447 -2.20 20.92 8.38
CA LEU A 447 -2.32 21.03 9.87
C LEU A 447 -3.53 20.26 10.43
N SER A 448 -4.57 20.13 9.61
CA SER A 448 -5.78 19.41 10.01
C SER A 448 -5.62 17.89 9.96
N GLY A 449 -4.53 17.41 9.37
CA GLY A 449 -4.26 15.97 9.22
C GLY A 449 -5.48 15.29 8.60
N TYR A 450 -5.95 14.21 9.21
CA TYR A 450 -7.10 13.46 8.65
C TYR A 450 -8.45 13.91 9.21
N THR A 451 -8.46 15.04 9.91
CA THR A 451 -9.71 15.59 10.50
C THR A 451 -10.53 16.47 9.54
N SER A 452 -10.01 16.71 8.35
CA SER A 452 -10.72 17.47 7.30
C SER A 452 -10.85 16.58 6.05
N LYS A 453 -12.10 16.41 5.58
CA LYS A 453 -12.38 15.52 4.46
C LYS A 453 -12.86 16.32 3.23
N PHE A 454 -11.96 16.57 2.28
CA PHE A 454 -12.28 17.32 1.06
C PHE A 454 -12.70 16.49 -0.18
N GLY A 455 -12.67 15.15 -0.07
CA GLY A 455 -12.77 14.31 -1.28
C GLY A 455 -14.18 14.20 -1.83
N ILE A 456 -14.28 14.02 -3.14
CA ILE A 456 -15.53 13.55 -3.72
C ILE A 456 -15.59 12.02 -3.56
N VAL A 457 -14.46 11.42 -3.18
CA VAL A 457 -14.43 10.00 -2.90
C VAL A 457 -13.99 9.85 -1.44
N TYR A 458 -14.78 9.14 -0.66
CA TYR A 458 -14.45 8.85 0.73
C TYR A 458 -13.30 7.87 0.84
N VAL A 459 -12.37 8.12 1.76
CA VAL A 459 -11.33 7.12 2.03
C VAL A 459 -11.44 6.72 3.49
N ASP A 460 -11.63 5.42 3.73
CA ASP A 460 -11.61 4.90 5.10
C ASP A 460 -10.14 4.83 5.51
N PHE A 461 -9.72 5.64 6.48
CA PHE A 461 -8.29 5.68 6.80
C PHE A 461 -7.79 4.53 7.68
N ASN A 462 -8.68 3.61 8.02
CA ASN A 462 -8.28 2.36 8.66
C ASN A 462 -8.00 1.25 7.67
N THR A 463 -8.89 1.09 6.69
CA THR A 463 -8.80 0.00 5.72
C THR A 463 -8.24 0.44 4.36
N LEU A 464 -8.19 1.76 4.17
CA LEU A 464 -7.80 2.44 2.92
C LEU A 464 -8.77 2.28 1.75
N GLU A 465 -9.91 1.65 2.01
CA GLU A 465 -10.94 1.51 0.96
C GLU A 465 -11.47 2.86 0.42
N ARG A 466 -11.70 2.92 -0.90
CA ARG A 466 -12.37 4.07 -1.54
C ARG A 466 -13.86 3.79 -1.68
N HIS A 467 -14.68 4.79 -1.44
CA HIS A 467 -16.14 4.71 -1.69
C HIS A 467 -16.55 6.07 -2.29
N PRO A 468 -17.00 6.11 -3.56
CA PRO A 468 -17.48 7.40 -4.08
C PRO A 468 -18.63 7.99 -3.27
N LYS A 469 -18.57 9.30 -3.00
CA LYS A 469 -19.66 10.03 -2.29
C LYS A 469 -20.70 10.50 -3.30
N ALA A 470 -21.84 11.01 -2.80
CA ALA A 470 -22.88 11.51 -3.69
C ALA A 470 -22.31 12.54 -4.69
N SER A 471 -21.40 13.41 -4.23
CA SER A 471 -20.78 14.41 -5.12
C SER A 471 -20.00 13.78 -6.30
N ALA A 472 -19.39 12.61 -6.08
CA ALA A 472 -18.72 11.88 -7.18
C ALA A 472 -19.75 11.45 -8.24
N TYR A 473 -20.88 10.94 -7.78
CA TYR A 473 -21.97 10.56 -8.71
C TYR A 473 -22.59 11.76 -9.41
N TRP A 474 -22.68 12.89 -8.70
CA TRP A 474 -23.07 14.16 -9.28
C TRP A 474 -22.16 14.54 -10.45
N PHE A 475 -20.84 14.48 -10.24
CA PHE A 475 -19.93 14.75 -11.35
C PHE A 475 -20.09 13.75 -12.48
N ARG A 476 -20.21 12.48 -12.14
CA ARG A 476 -20.37 11.44 -13.16
C ARG A 476 -21.57 11.78 -14.06
N ASP A 477 -22.68 12.18 -13.43
CA ASP A 477 -23.91 12.52 -14.17
C ASP A 477 -23.73 13.79 -14.98
N MET A 478 -23.14 14.80 -14.36
CA MET A 478 -22.94 16.10 -15.03
C MET A 478 -22.02 15.99 -16.24
N LEU A 479 -21.03 15.10 -16.14
CA LEU A 479 -19.90 15.06 -17.07
C LEU A 479 -20.01 13.99 -18.17
N LYS A 480 -21.11 13.24 -18.19
CA LYS A 480 -21.21 12.17 -19.18
C LYS A 480 -21.08 12.72 -20.60
N HIS A 481 -20.35 12.00 -21.45
CA HIS A 481 -19.96 12.51 -22.77
C HIS A 481 -21.04 12.35 -23.83
N ASN B 10 -28.82 -28.85 -2.25
CA ASN B 10 -28.23 -27.60 -1.69
C ASN B 10 -26.71 -27.59 -1.85
N TRP B 11 -26.17 -26.40 -2.13
CA TRP B 11 -24.77 -26.29 -2.53
C TRP B 11 -23.77 -26.53 -1.40
N LEU B 12 -24.25 -26.53 -0.16
CA LEU B 12 -23.41 -26.84 1.01
C LEU B 12 -23.22 -28.35 1.23
N GLY B 13 -24.03 -29.16 0.55
CA GLY B 13 -23.93 -30.62 0.68
C GLY B 13 -24.06 -31.10 2.10
N GLY B 14 -24.88 -30.41 2.88
CA GLY B 14 -25.17 -30.81 4.25
C GLY B 14 -24.14 -30.33 5.24
N LEU B 15 -23.15 -29.60 4.76
CA LEU B 15 -22.10 -29.10 5.66
C LEU B 15 -22.54 -27.82 6.36
N SER B 16 -22.11 -27.66 7.62
CA SER B 16 -22.36 -26.48 8.44
C SER B 16 -21.49 -26.65 9.68
N ARG B 17 -21.46 -25.66 10.55
CA ARG B 17 -20.73 -25.83 11.80
C ARG B 17 -21.26 -26.99 12.63
N ALA B 18 -22.57 -27.26 12.51
CA ALA B 18 -23.18 -28.37 13.25
C ALA B 18 -22.66 -29.73 12.79
N ALA B 19 -22.15 -29.80 11.56
CA ALA B 19 -21.58 -31.02 11.01
C ALA B 19 -20.15 -31.35 11.52
N PHE B 20 -19.54 -30.42 12.25
CA PHE B 20 -18.22 -30.61 12.83
C PHE B 20 -18.27 -30.55 14.35
N PRO B 21 -17.20 -30.99 15.05
CA PRO B 21 -17.24 -30.93 16.51
C PRO B 21 -17.44 -29.54 17.09
N LYS B 22 -17.95 -29.49 18.31
CA LYS B 22 -18.12 -28.24 19.05
C LYS B 22 -16.75 -27.59 19.18
N ARG B 23 -16.70 -26.29 18.94
CA ARG B 23 -15.45 -25.52 19.09
C ARG B 23 -14.43 -25.76 17.98
N PHE B 24 -14.81 -26.50 16.93
CA PHE B 24 -13.93 -26.73 15.77
C PHE B 24 -13.62 -25.38 15.12
N VAL B 25 -12.36 -25.19 14.75
CA VAL B 25 -11.85 -23.89 14.31
C VAL B 25 -11.78 -23.88 12.80
N PHE B 26 -12.41 -22.87 12.18
CA PHE B 26 -12.29 -22.66 10.74
C PHE B 26 -11.53 -21.37 10.46
N GLY B 27 -10.51 -21.44 9.60
CA GLY B 27 -9.78 -20.24 9.24
C GLY B 27 -9.32 -20.20 7.81
N THR B 28 -8.61 -19.12 7.46
CA THR B 28 -7.90 -19.00 6.19
C THR B 28 -6.41 -18.78 6.50
N VAL B 29 -5.58 -18.90 5.47
CA VAL B 29 -4.13 -18.93 5.64
C VAL B 29 -3.46 -18.02 4.61
N THR B 30 -2.38 -17.36 5.02
CA THR B 30 -1.46 -16.70 4.12
C THR B 30 -0.06 -16.92 4.67
N SER B 31 0.94 -16.41 3.96
CA SER B 31 2.28 -16.34 4.54
C SER B 31 2.89 -14.99 4.22
N ALA B 32 3.91 -14.61 4.99
CA ALA B 32 4.40 -13.23 4.97
C ALA B 32 4.83 -12.81 3.59
N TYR B 33 5.75 -13.55 2.98
CA TYR B 33 6.33 -13.11 1.72
C TYR B 33 5.29 -13.17 0.62
N GLN B 34 4.32 -14.08 0.77
CA GLN B 34 3.30 -14.24 -0.28
C GLN B 34 2.26 -13.12 -0.30
N VAL B 35 2.04 -12.45 0.83
CA VAL B 35 1.00 -11.41 0.86
C VAL B 35 1.37 -10.00 1.33
N GLU B 36 2.41 -9.87 2.18
CA GLU B 36 2.62 -8.61 2.87
C GLU B 36 2.98 -7.47 1.94
N GLY B 37 3.89 -7.73 1.02
CA GLY B 37 4.54 -6.66 0.29
C GLY B 37 5.44 -5.88 1.22
N MET B 38 5.74 -4.63 0.89
CA MET B 38 6.73 -3.84 1.64
C MET B 38 7.99 -4.65 1.94
N ALA B 39 8.52 -5.34 0.93
CA ALA B 39 9.59 -6.32 1.14
C ALA B 39 10.91 -5.66 1.49
N ALA B 40 11.12 -4.46 0.93
CA ALA B 40 12.33 -3.69 1.17
C ALA B 40 11.98 -2.37 1.82
N SER B 41 10.88 -2.34 2.57
CA SER B 41 10.44 -1.14 3.24
C SER B 41 10.07 -1.48 4.68
N GLY B 42 9.81 -0.44 5.46
CA GLY B 42 9.44 -0.62 6.86
C GLY B 42 10.58 -1.23 7.67
N GLY B 43 11.79 -1.09 7.15
CA GLY B 43 13.01 -1.59 7.83
C GLY B 43 13.27 -3.08 7.63
N ARG B 44 12.46 -3.75 6.82
CA ARG B 44 12.64 -5.21 6.61
C ARG B 44 13.95 -5.52 5.87
N GLY B 45 14.69 -6.52 6.36
CA GLY B 45 15.88 -7.00 5.65
C GLY B 45 15.50 -8.05 4.61
N PRO B 46 16.38 -8.31 3.63
CA PRO B 46 16.05 -9.31 2.60
C PRO B 46 16.05 -10.74 3.13
N SER B 47 15.16 -11.57 2.59
CA SER B 47 15.20 -13.02 2.80
C SER B 47 15.85 -13.71 1.61
N ILE B 48 16.11 -15.01 1.75
CA ILE B 48 16.66 -15.76 0.63
C ILE B 48 15.67 -15.74 -0.55
N TRP B 49 14.37 -15.63 -0.25
CA TRP B 49 13.38 -15.47 -1.34
C TRP B 49 13.43 -14.12 -2.08
N ASP B 50 13.81 -13.05 -1.38
CA ASP B 50 13.96 -11.76 -2.07
C ASP B 50 15.08 -11.86 -3.09
N ALA B 51 16.22 -12.41 -2.67
CA ALA B 51 17.37 -12.51 -3.58
C ALA B 51 17.01 -13.44 -4.74
N PHE B 52 16.38 -14.57 -4.42
CA PHE B 52 15.98 -15.55 -5.43
C PHE B 52 15.01 -14.92 -6.43
N ALA B 53 13.95 -14.28 -5.94
CA ALA B 53 12.91 -13.78 -6.84
C ALA B 53 13.39 -12.60 -7.71
N HIS B 54 14.40 -11.89 -7.22
CA HIS B 54 14.96 -10.77 -7.98
C HIS B 54 16.00 -11.18 -9.03
N THR B 55 16.34 -12.48 -9.09
CA THR B 55 17.23 -13.00 -10.13
C THR B 55 16.41 -13.33 -11.37
N PRO B 56 16.80 -12.77 -12.54
CA PRO B 56 16.01 -13.06 -13.75
C PRO B 56 15.94 -14.56 -14.06
N GLY B 57 14.75 -15.01 -14.44
CA GLY B 57 14.52 -16.40 -14.79
C GLY B 57 14.02 -17.28 -13.67
N ASN B 58 14.14 -16.83 -12.41
CA ASN B 58 13.79 -17.71 -11.29
C ASN B 58 12.28 -17.86 -11.11
N VAL B 59 11.55 -16.78 -11.31
CA VAL B 59 10.12 -16.80 -11.05
C VAL B 59 9.38 -16.53 -12.35
N ALA B 60 8.17 -17.08 -12.51
CA ALA B 60 7.35 -16.76 -13.67
C ALA B 60 7.27 -15.25 -13.91
N GLY B 61 7.56 -14.83 -15.15
CA GLY B 61 7.48 -13.41 -15.53
C GLY B 61 8.45 -12.50 -14.80
N ASN B 62 9.47 -13.09 -14.18
CA ASN B 62 10.44 -12.35 -13.34
C ASN B 62 9.75 -11.57 -12.20
N GLN B 63 8.64 -12.11 -11.71
CA GLN B 63 7.88 -11.43 -10.67
C GLN B 63 8.46 -11.70 -9.30
N ASN B 64 8.06 -10.89 -8.32
CA ASN B 64 8.58 -11.01 -6.96
C ASN B 64 7.51 -10.57 -5.97
N GLY B 65 7.82 -10.67 -4.68
CA GLY B 65 6.89 -10.26 -3.64
C GLY B 65 7.11 -8.86 -3.11
N ASP B 66 7.72 -7.98 -3.92
CA ASP B 66 7.97 -6.60 -3.45
C ASP B 66 6.71 -5.91 -2.95
N VAL B 67 5.62 -6.09 -3.69
CA VAL B 67 4.30 -5.49 -3.33
C VAL B 67 3.32 -6.58 -2.98
N ALA B 68 3.34 -7.67 -3.74
CA ALA B 68 2.45 -8.81 -3.48
C ALA B 68 1.00 -8.31 -3.40
N THR B 69 0.27 -8.62 -2.32
CA THR B 69 -1.10 -8.12 -2.18
C THR B 69 -1.16 -6.83 -1.38
N ASP B 70 0.01 -6.37 -0.88
CA ASP B 70 0.12 -5.16 -0.03
C ASP B 70 -0.73 -5.30 1.23
N GLN B 71 -0.79 -6.51 1.79
CA GLN B 71 -1.52 -6.67 3.04
C GLN B 71 -0.91 -5.78 4.14
N TYR B 72 0.37 -5.45 4.00
CA TYR B 72 1.04 -4.58 4.97
C TYR B 72 0.24 -3.27 5.20
N HIS B 73 -0.26 -2.66 4.13
CA HIS B 73 -1.06 -1.45 4.30
C HIS B 73 -2.54 -1.76 4.51
N ARG B 74 -3.02 -2.86 3.94
CA ARG B 74 -4.47 -3.09 3.82
C ARG B 74 -4.99 -4.12 4.81
N TYR B 75 -4.21 -4.47 5.84
CA TYR B 75 -4.58 -5.62 6.69
C TYR B 75 -5.96 -5.49 7.35
N LYS B 76 -6.36 -4.27 7.68
CA LYS B 76 -7.69 -4.08 8.27
C LYS B 76 -8.79 -4.41 7.29
N GLU B 77 -8.60 -4.08 6.01
CA GLU B 77 -9.56 -4.50 4.98
C GLU B 77 -9.67 -6.02 4.96
N ASP B 78 -8.53 -6.69 4.95
CA ASP B 78 -8.48 -8.14 4.86
C ASP B 78 -9.07 -8.82 6.13
N VAL B 79 -8.79 -8.26 7.30
CA VAL B 79 -9.38 -8.81 8.54
C VAL B 79 -10.91 -8.60 8.52
N ASN B 80 -11.35 -7.43 8.07
CA ASN B 80 -12.80 -7.19 7.99
C ASN B 80 -13.47 -8.22 7.09
N LEU B 81 -12.79 -8.54 5.99
CA LEU B 81 -13.33 -9.46 5.02
C LEU B 81 -13.40 -10.88 5.59
N MET B 82 -12.34 -11.33 6.24
CA MET B 82 -12.39 -12.67 6.80
C MET B 82 -13.46 -12.79 7.88
N LYS B 83 -13.70 -11.73 8.66
CA LYS B 83 -14.74 -11.77 9.68
C LYS B 83 -16.11 -11.80 9.00
N SER B 84 -16.25 -11.07 7.90
CA SER B 84 -17.54 -11.04 7.18
C SER B 84 -17.88 -12.40 6.57
N LEU B 85 -16.85 -13.22 6.31
CA LEU B 85 -17.02 -14.56 5.74
C LEU B 85 -17.20 -15.65 6.83
N ASN B 86 -17.32 -15.21 8.08
CA ASN B 86 -17.63 -16.11 9.22
C ASN B 86 -16.53 -17.07 9.68
N PHE B 87 -15.28 -16.77 9.31
CA PHE B 87 -14.13 -17.49 9.87
C PHE B 87 -13.86 -17.14 11.33
N ASP B 88 -13.26 -18.07 12.08
CA ASP B 88 -12.94 -17.91 13.49
C ASP B 88 -11.48 -17.55 13.69
N ALA B 89 -10.66 -17.80 12.68
CA ALA B 89 -9.20 -17.76 12.90
C ALA B 89 -8.45 -17.39 11.63
N TYR B 90 -7.19 -16.98 11.79
CA TYR B 90 -6.37 -16.58 10.66
C TYR B 90 -5.00 -17.10 10.92
N ARG B 91 -4.50 -17.93 10.01
CA ARG B 91 -3.11 -18.39 10.10
C ARG B 91 -2.27 -17.47 9.21
N PHE B 92 -1.25 -16.85 9.78
CA PHE B 92 -0.32 -16.03 8.98
C PHE B 92 1.07 -16.25 9.56
N SER B 93 2.09 -15.77 8.86
CA SER B 93 3.46 -15.89 9.38
C SER B 93 4.11 -14.54 9.69
N ILE B 94 5.08 -14.59 10.60
CA ILE B 94 5.93 -13.44 10.87
C ILE B 94 7.17 -13.61 10.03
N SER B 95 7.54 -12.55 9.31
CA SER B 95 8.79 -12.53 8.57
C SER B 95 9.97 -12.28 9.52
N TRP B 96 10.83 -13.27 9.66
CA TRP B 96 12.02 -13.20 10.53
C TRP B 96 12.82 -11.94 10.18
N SER B 97 13.03 -11.68 8.88
CA SER B 97 13.84 -10.50 8.49
C SER B 97 13.14 -9.14 8.60
N ARG B 98 11.82 -9.15 8.84
CA ARG B 98 11.11 -7.93 9.17
C ARG B 98 11.31 -7.56 10.64
N ILE B 99 11.50 -8.58 11.49
CA ILE B 99 11.81 -8.36 12.92
C ILE B 99 13.32 -8.13 13.16
N PHE B 100 14.14 -9.03 12.61
CA PHE B 100 15.60 -8.96 12.72
C PHE B 100 16.16 -8.88 11.31
N PRO B 101 16.44 -7.67 10.80
CA PRO B 101 16.83 -7.57 9.37
C PRO B 101 18.06 -8.42 9.01
N ASP B 102 18.95 -8.65 9.99
CA ASP B 102 20.10 -9.53 9.78
C ASP B 102 19.95 -10.92 10.40
N GLY B 103 18.75 -11.24 10.92
CA GLY B 103 18.46 -12.56 11.47
C GLY B 103 18.89 -12.74 12.92
N GLU B 104 19.67 -11.79 13.40
CA GLU B 104 20.22 -11.80 14.75
C GLU B 104 20.55 -10.34 15.05
N GLY B 105 20.70 -10.01 16.33
CA GLY B 105 21.10 -8.65 16.73
C GLY B 105 19.97 -7.64 16.78
N ARG B 106 20.08 -6.59 15.98
CA ARG B 106 19.21 -5.42 16.12
C ARG B 106 17.75 -5.73 15.72
N VAL B 107 16.82 -5.30 16.57
CA VAL B 107 15.38 -5.44 16.31
C VAL B 107 14.88 -4.24 15.49
N ASN B 108 14.06 -4.54 14.48
CA ASN B 108 13.42 -3.51 13.69
C ASN B 108 12.08 -3.19 14.33
N GLN B 109 12.02 -2.07 15.06
CA GLN B 109 10.84 -1.73 15.84
C GLN B 109 9.62 -1.53 14.97
N GLU B 110 9.82 -0.99 13.76
CA GLU B 110 8.70 -0.76 12.86
C GLU B 110 8.03 -2.09 12.45
N GLY B 111 8.85 -3.11 12.26
CA GLY B 111 8.35 -4.47 11.94
C GLY B 111 7.59 -5.06 13.11
N VAL B 112 8.15 -4.95 14.31
CA VAL B 112 7.40 -5.35 15.55
C VAL B 112 6.03 -4.68 15.64
N ALA B 113 5.98 -3.37 15.37
CA ALA B 113 4.73 -2.61 15.42
C ALA B 113 3.70 -3.11 14.41
N TYR B 114 4.14 -3.49 13.22
CA TYR B 114 3.21 -4.06 12.24
C TYR B 114 2.51 -5.31 12.80
N TYR B 115 3.28 -6.28 13.31
CA TYR B 115 2.67 -7.49 13.82
C TYR B 115 1.82 -7.23 15.06
N ASN B 116 2.24 -6.30 15.90
CA ASN B 116 1.38 -5.88 17.02
C ASN B 116 0.03 -5.36 16.51
N ASN B 117 0.09 -4.49 15.51
CA ASN B 117 -1.11 -3.88 14.92
C ASN B 117 -2.00 -4.92 14.31
N LEU B 118 -1.43 -5.86 13.55
CA LEU B 118 -2.20 -6.97 12.99
C LEU B 118 -2.86 -7.87 14.05
N ILE B 119 -2.04 -8.34 15.00
CA ILE B 119 -2.54 -9.17 16.09
C ILE B 119 -3.68 -8.49 16.87
N ASN B 120 -3.46 -7.22 17.23
CA ASN B 120 -4.44 -6.49 18.03
C ASN B 120 -5.73 -6.31 17.24
N TYR B 121 -5.62 -6.04 15.94
CA TYR B 121 -6.83 -5.91 15.13
C TYR B 121 -7.59 -7.19 15.00
N LEU B 122 -6.88 -8.32 14.77
CA LEU B 122 -7.52 -9.63 14.73
C LEU B 122 -8.32 -9.85 15.99
N LEU B 123 -7.66 -9.66 17.13
CA LEU B 123 -8.35 -9.90 18.41
C LEU B 123 -9.56 -8.96 18.62
N GLN B 124 -9.40 -7.68 18.25
CA GLN B 124 -10.50 -6.72 18.38
C GLN B 124 -11.71 -7.20 17.56
N LYS B 125 -11.42 -7.80 16.41
CA LYS B 125 -12.45 -8.33 15.52
C LYS B 125 -12.90 -9.78 15.82
N GLY B 126 -12.37 -10.37 16.89
CA GLY B 126 -12.77 -11.72 17.31
C GLY B 126 -12.23 -12.82 16.42
N ILE B 127 -11.05 -12.60 15.81
CA ILE B 127 -10.43 -13.63 14.96
C ILE B 127 -9.17 -14.11 15.68
N THR B 128 -9.06 -15.42 15.91
CA THR B 128 -7.91 -15.97 16.64
C THR B 128 -6.64 -16.02 15.78
N PRO B 129 -5.52 -15.42 16.25
CA PRO B 129 -4.32 -15.50 15.45
C PRO B 129 -3.61 -16.87 15.62
N TYR B 130 -3.31 -17.53 14.49
CA TYR B 130 -2.50 -18.74 14.49
C TYR B 130 -1.22 -18.36 13.78
N VAL B 131 -0.10 -18.36 14.49
CA VAL B 131 1.08 -17.65 13.98
C VAL B 131 2.27 -18.54 13.71
N ASN B 132 2.67 -18.59 12.43
CA ASN B 132 3.88 -19.27 12.01
C ASN B 132 5.10 -18.38 12.18
N LEU B 133 6.17 -18.93 12.74
CA LEU B 133 7.42 -18.17 12.87
C LEU B 133 8.22 -18.17 11.59
N TYR B 134 8.00 -19.18 10.74
CA TYR B 134 8.87 -19.35 9.57
C TYR B 134 8.09 -19.96 8.43
N HIS B 135 8.25 -19.37 7.25
CA HIS B 135 7.57 -19.85 6.08
C HIS B 135 8.45 -19.57 4.85
N TYR B 136 9.52 -20.37 4.73
CA TYR B 136 10.51 -20.35 3.62
C TYR B 136 11.46 -19.16 3.59
N ASP B 137 11.28 -18.21 4.50
CA ASP B 137 11.86 -16.88 4.35
C ASP B 137 13.06 -16.59 5.26
N LEU B 138 14.01 -17.50 5.28
CA LEU B 138 15.27 -17.29 6.01
C LEU B 138 15.90 -15.93 5.68
N PRO B 139 16.30 -15.13 6.70
CA PRO B 139 17.04 -13.88 6.48
C PRO B 139 18.27 -14.16 5.62
N LEU B 140 18.46 -13.37 4.57
CA LEU B 140 19.57 -13.59 3.66
C LEU B 140 20.90 -13.53 4.40
N ALA B 141 21.02 -12.65 5.37
CA ALA B 141 22.25 -12.55 6.16
C ALA B 141 22.66 -13.88 6.82
N LEU B 142 21.68 -14.66 7.26
CA LEU B 142 21.97 -15.94 7.93
C LEU B 142 22.37 -17.02 6.95
N GLU B 143 21.80 -16.95 5.74
CA GLU B 143 22.22 -17.86 4.69
C GLU B 143 23.70 -17.59 4.37
N LYS B 144 24.04 -16.32 4.22
CA LYS B 144 25.42 -15.94 3.85
C LYS B 144 26.45 -16.19 4.96
N LYS B 145 26.09 -15.86 6.19
CA LYS B 145 27.04 -15.95 7.30
C LYS B 145 27.22 -17.40 7.77
N TYR B 146 26.11 -18.14 7.86
CA TYR B 146 26.10 -19.45 8.53
C TYR B 146 25.89 -20.63 7.59
N GLY B 147 25.41 -20.37 6.39
CA GLY B 147 25.04 -21.46 5.47
C GLY B 147 23.63 -21.98 5.71
N GLY B 148 22.80 -21.17 6.38
CA GLY B 148 21.41 -21.56 6.62
C GLY B 148 21.20 -22.93 7.25
N TRP B 149 20.23 -23.67 6.73
CA TRP B 149 19.76 -24.89 7.38
C TRP B 149 20.76 -26.05 7.35
N LEU B 150 21.89 -25.86 6.65
CA LEU B 150 22.97 -26.83 6.70
C LEU B 150 23.75 -26.78 8.01
N ASN B 151 23.65 -25.64 8.71
CA ASN B 151 24.40 -25.38 9.94
C ASN B 151 23.58 -25.71 11.18
N ALA B 152 24.09 -26.59 12.05
CA ALA B 152 23.41 -26.88 13.31
C ALA B 152 23.21 -25.68 14.24
N LYS B 153 24.01 -24.63 14.06
CA LYS B 153 23.83 -23.37 14.80
C LYS B 153 22.46 -22.72 14.58
N MET B 154 21.74 -23.15 13.54
CA MET B 154 20.38 -22.65 13.29
C MET B 154 19.46 -22.89 14.48
N ALA B 155 19.69 -23.99 15.22
CA ALA B 155 18.89 -24.23 16.43
C ALA B 155 19.01 -23.05 17.39
N ASP B 156 20.24 -22.61 17.69
CA ASP B 156 20.45 -21.45 18.53
C ASP B 156 19.83 -20.17 17.93
N LEU B 157 20.08 -19.93 16.64
CA LEU B 157 19.62 -18.70 16.00
C LEU B 157 18.10 -18.65 15.97
N PHE B 158 17.49 -19.78 15.63
CA PHE B 158 16.02 -19.84 15.58
C PHE B 158 15.38 -19.72 16.97
N THR B 159 15.98 -20.37 17.96
CA THR B 159 15.48 -20.29 19.32
C THR B 159 15.51 -18.83 19.83
N GLU B 160 16.58 -18.09 19.50
CA GLU B 160 16.66 -16.69 19.91
C GLU B 160 15.58 -15.83 19.25
N TYR B 161 15.33 -16.07 17.97
CA TYR B 161 14.21 -15.43 17.27
C TYR B 161 12.85 -15.79 17.88
N ALA B 162 12.64 -17.07 18.13
CA ALA B 162 11.36 -17.57 18.67
C ALA B 162 11.12 -16.95 20.06
N ASP B 163 12.18 -16.90 20.87
CA ASP B 163 12.11 -16.36 22.21
C ASP B 163 11.63 -14.90 22.14
N PHE B 164 12.21 -14.12 21.24
CA PHE B 164 11.79 -12.73 21.09
C PHE B 164 10.33 -12.65 20.74
N CYS B 165 9.88 -13.49 19.81
CA CYS B 165 8.46 -13.50 19.43
C CYS B 165 7.54 -13.90 20.58
N PHE B 166 7.92 -14.94 21.34
CA PHE B 166 7.09 -15.34 22.49
C PHE B 166 6.98 -14.19 23.49
N LYS B 167 8.12 -13.60 23.84
CA LYS B 167 8.14 -12.49 24.79
C LYS B 167 7.29 -11.31 24.30
N THR B 168 7.43 -11.00 23.02
CA THR B 168 6.83 -9.79 22.48
C THR B 168 5.32 -9.94 22.19
N PHE B 169 4.89 -11.10 21.73
CA PHE B 169 3.51 -11.27 21.27
C PHE B 169 2.75 -12.31 22.07
N GLY B 170 3.44 -13.12 22.86
CA GLY B 170 2.82 -14.31 23.44
C GLY B 170 1.81 -14.05 24.55
N ASN B 171 1.74 -12.83 25.07
CA ASN B 171 0.63 -12.52 25.96
C ASN B 171 -0.70 -12.52 25.23
N ARG B 172 -0.63 -12.32 23.91
CA ARG B 172 -1.84 -12.29 23.08
C ARG B 172 -1.96 -13.50 22.16
N VAL B 173 -0.84 -13.93 21.59
CA VAL B 173 -0.86 -15.11 20.69
C VAL B 173 -0.75 -16.38 21.52
N LYS B 174 -1.73 -17.27 21.36
CA LYS B 174 -1.77 -18.51 22.12
C LYS B 174 -1.62 -19.75 21.26
N HIS B 175 -1.50 -19.56 19.95
CA HIS B 175 -1.39 -20.69 19.02
C HIS B 175 -0.26 -20.40 18.05
N TRP B 176 0.88 -21.07 18.25
CA TRP B 176 2.07 -20.86 17.45
C TRP B 176 2.37 -22.09 16.58
N PHE B 177 3.06 -21.86 15.45
CA PHE B 177 3.77 -22.91 14.73
C PHE B 177 5.19 -22.43 14.50
N THR B 178 6.13 -23.35 14.55
CA THR B 178 7.53 -23.02 14.29
C THR B 178 7.75 -22.94 12.78
N PHE B 179 7.63 -24.07 12.09
CA PHE B 179 7.95 -24.17 10.65
C PHE B 179 6.76 -24.55 9.78
N ASN B 180 6.87 -24.21 8.48
CA ASN B 180 5.95 -24.62 7.43
C ASN B 180 6.61 -25.53 6.41
N GLU B 181 6.15 -26.78 6.33
CA GLU B 181 6.64 -27.76 5.32
C GLU B 181 8.18 -27.82 5.18
N PRO B 182 8.89 -28.23 6.23
CA PRO B 182 10.35 -28.38 6.09
C PRO B 182 10.70 -29.45 5.03
N ARG B 183 9.80 -30.39 4.75
CA ARG B 183 10.05 -31.39 3.67
C ARG B 183 10.29 -30.70 2.32
N ILE B 184 9.50 -29.66 2.06
CA ILE B 184 9.58 -28.91 0.79
C ILE B 184 10.86 -28.08 0.73
N VAL B 185 11.27 -27.49 1.85
CA VAL B 185 12.55 -26.82 1.92
C VAL B 185 13.67 -27.82 1.58
N ALA B 186 13.66 -28.98 2.24
CA ALA B 186 14.70 -30.01 1.99
C ALA B 186 14.66 -30.49 0.54
N LEU B 187 13.47 -30.79 0.04
CA LEU B 187 13.31 -31.30 -1.32
C LEU B 187 13.69 -30.28 -2.40
N LEU B 188 13.03 -29.12 -2.36
CA LEU B 188 13.16 -28.15 -3.45
C LEU B 188 14.44 -27.33 -3.35
N GLY B 189 14.91 -27.11 -2.13
CA GLY B 189 16.09 -26.28 -1.92
C GLY B 189 17.41 -27.04 -1.95
N TYR B 190 17.36 -28.35 -1.70
CA TYR B 190 18.58 -29.11 -1.46
C TYR B 190 18.68 -30.45 -2.21
N ASP B 191 17.55 -30.92 -2.74
CA ASP B 191 17.52 -32.15 -3.54
C ASP B 191 17.39 -31.77 -5.01
N GLN B 192 16.27 -31.15 -5.37
CA GLN B 192 16.04 -30.74 -6.76
C GLN B 192 16.79 -29.43 -7.09
N GLY B 193 16.98 -28.59 -6.08
CA GLY B 193 17.67 -27.31 -6.24
C GLY B 193 16.90 -26.28 -7.05
N THR B 194 15.57 -26.36 -7.07
CA THR B 194 14.80 -25.39 -7.85
C THR B 194 14.34 -24.18 -7.03
N ASN B 195 14.39 -24.30 -5.70
CA ASN B 195 14.04 -23.22 -4.80
C ASN B 195 15.28 -22.83 -3.98
N PRO B 196 15.28 -21.64 -3.37
CA PRO B 196 16.49 -21.20 -2.64
C PRO B 196 16.84 -22.19 -1.53
N PRO B 197 18.16 -22.42 -1.27
CA PRO B 197 19.32 -21.77 -1.89
C PRO B 197 19.76 -22.42 -3.21
N LYS B 198 18.88 -23.15 -3.88
CA LYS B 198 19.21 -23.79 -5.19
C LYS B 198 20.42 -24.72 -5.11
N ARG B 199 20.43 -25.60 -4.12
CA ARG B 199 21.51 -26.54 -3.97
C ARG B 199 21.09 -27.92 -4.43
N CYS B 200 22.02 -28.63 -5.06
CA CYS B 200 21.79 -29.99 -5.55
C CYS B 200 23.11 -30.52 -6.09
N THR B 201 23.16 -31.80 -6.44
CA THR B 201 24.41 -32.37 -6.91
C THR B 201 24.90 -31.64 -8.17
N LYS B 202 24.04 -31.40 -9.13
CA LYS B 202 24.48 -30.69 -10.34
C LYS B 202 24.60 -29.15 -10.22
N CYS B 203 24.17 -28.58 -9.09
CA CYS B 203 23.86 -27.14 -9.04
C CYS B 203 25.05 -26.18 -8.99
N ALA B 204 24.90 -25.05 -9.66
CA ALA B 204 25.92 -24.00 -9.67
C ALA B 204 26.34 -23.57 -8.25
N ALA B 205 25.36 -23.46 -7.36
CA ALA B 205 25.64 -23.02 -5.98
C ALA B 205 26.39 -24.06 -5.16
N GLY B 206 26.48 -25.29 -5.66
CA GLY B 206 27.02 -26.42 -4.91
C GLY B 206 25.90 -27.31 -4.40
N GLY B 207 26.26 -28.34 -3.63
CA GLY B 207 25.27 -29.21 -3.03
C GLY B 207 25.51 -30.68 -3.26
N ASN B 208 24.59 -31.47 -2.70
CA ASN B 208 24.65 -32.92 -2.78
C ASN B 208 23.25 -33.41 -2.44
N SER B 209 22.51 -33.80 -3.47
CA SER B 209 21.11 -34.19 -3.32
C SER B 209 20.91 -35.46 -2.48
N ALA B 210 21.97 -36.24 -2.27
CA ALA B 210 21.89 -37.45 -1.43
C ALA B 210 22.10 -37.23 0.07
N THR B 211 22.69 -36.11 0.44
CA THR B 211 23.07 -35.88 1.83
C THR B 211 22.39 -34.65 2.43
N GLU B 212 22.34 -33.56 1.65
CA GLU B 212 21.92 -32.26 2.20
C GLU B 212 20.45 -32.22 2.63
N PRO B 213 19.54 -32.87 1.87
CA PRO B 213 18.14 -32.86 2.35
C PRO B 213 18.00 -33.45 3.77
N TYR B 214 18.81 -34.47 4.09
CA TYR B 214 18.75 -35.11 5.41
C TYR B 214 19.35 -34.23 6.50
N ILE B 215 20.42 -33.51 6.16
CA ILE B 215 21.03 -32.60 7.13
C ILE B 215 20.03 -31.49 7.47
N VAL B 216 19.40 -30.94 6.43
CA VAL B 216 18.44 -29.83 6.54
C VAL B 216 17.20 -30.25 7.39
N ALA B 217 16.66 -31.43 7.11
CA ALA B 217 15.49 -31.90 7.87
C ALA B 217 15.87 -32.07 9.36
N HIS B 218 17.07 -32.60 9.59
CA HIS B 218 17.51 -32.85 10.96
C HIS B 218 17.62 -31.53 11.71
N ASN B 219 18.19 -30.52 11.06
CA ASN B 219 18.31 -29.21 11.69
C ASN B 219 16.97 -28.53 11.95
N PHE B 220 16.00 -28.72 11.05
CA PHE B 220 14.64 -28.27 11.32
C PHE B 220 14.04 -28.92 12.56
N LEU B 221 14.22 -30.23 12.68
CA LEU B 221 13.69 -30.94 13.84
C LEU B 221 14.36 -30.49 15.13
N LEU B 222 15.68 -30.33 15.11
CA LEU B 222 16.41 -29.89 16.30
C LEU B 222 16.09 -28.44 16.70
N SER B 223 15.92 -27.58 15.68
CA SER B 223 15.54 -26.18 15.92
C SER B 223 14.11 -26.08 16.46
N HIS B 224 13.18 -26.87 15.90
CA HIS B 224 11.81 -26.93 16.45
C HIS B 224 11.85 -27.34 17.92
N ALA B 225 12.54 -28.44 18.20
CA ALA B 225 12.59 -28.94 19.57
C ALA B 225 13.20 -27.92 20.54
N ALA B 226 14.28 -27.24 20.11
CA ALA B 226 14.93 -26.23 20.95
C ALA B 226 14.00 -25.02 21.23
N ALA B 227 13.23 -24.62 20.22
CA ALA B 227 12.33 -23.46 20.36
C ALA B 227 11.20 -23.82 21.34
N VAL B 228 10.70 -25.04 21.21
CA VAL B 228 9.61 -25.51 22.08
C VAL B 228 10.10 -25.67 23.52
N ALA B 229 11.30 -26.24 23.69
CA ALA B 229 11.88 -26.32 25.03
C ALA B 229 11.97 -24.93 25.69
N ARG B 230 12.37 -23.93 24.91
CA ARG B 230 12.43 -22.55 25.40
C ARG B 230 11.05 -22.06 25.78
N TYR B 231 10.07 -22.27 24.90
CA TYR B 231 8.70 -21.86 25.21
C TYR B 231 8.25 -22.49 26.52
N ARG B 232 8.44 -23.79 26.66
CA ARG B 232 7.94 -24.50 27.83
C ARG B 232 8.64 -24.15 29.12
N THR B 233 9.94 -23.90 29.04
CA THR B 233 10.69 -23.61 30.26
C THR B 233 10.52 -22.15 30.69
N LYS B 234 10.35 -21.25 29.74
CA LYS B 234 10.40 -19.80 30.06
C LYS B 234 9.03 -19.14 30.03
N TYR B 235 8.24 -19.43 28.99
CA TYR B 235 6.99 -18.68 28.72
C TYR B 235 5.66 -19.35 28.99
N GLN B 236 5.59 -20.69 28.96
CA GLN B 236 4.28 -21.39 29.01
C GLN B 236 3.52 -21.16 30.32
N ALA B 237 4.22 -21.14 31.44
CA ALA B 237 3.57 -20.97 32.74
C ALA B 237 2.69 -19.70 32.75
N ALA B 238 3.26 -18.60 32.29
CA ALA B 238 2.55 -17.34 32.28
C ALA B 238 1.58 -17.24 31.09
N GLN B 239 2.03 -17.67 29.91
CA GLN B 239 1.28 -17.41 28.67
C GLN B 239 0.23 -18.47 28.35
N GLN B 240 0.50 -19.72 28.74
CA GLN B 240 -0.51 -20.78 28.62
C GLN B 240 -0.96 -21.00 27.17
N GLY B 241 0.00 -20.94 26.26
CA GLY B 241 -0.29 -21.17 24.84
C GLY B 241 0.25 -22.52 24.38
N LYS B 242 0.30 -22.69 23.06
CA LYS B 242 0.67 -23.95 22.45
C LYS B 242 1.57 -23.67 21.27
N VAL B 243 2.45 -24.62 20.98
CA VAL B 243 3.35 -24.51 19.83
C VAL B 243 3.32 -25.84 19.09
N GLY B 244 3.05 -25.76 17.78
CA GLY B 244 3.14 -26.94 16.92
C GLY B 244 4.06 -26.71 15.73
N ILE B 245 3.87 -27.52 14.70
CA ILE B 245 4.69 -27.45 13.48
C ILE B 245 3.77 -27.82 12.32
N VAL B 246 4.04 -27.28 11.12
CA VAL B 246 3.20 -27.57 9.96
C VAL B 246 3.98 -28.44 8.97
N LEU B 247 3.40 -29.59 8.64
CA LEU B 247 4.00 -30.58 7.74
C LEU B 247 3.10 -30.83 6.53
N ASP B 248 3.69 -30.90 5.33
CA ASP B 248 2.89 -31.30 4.20
C ASP B 248 2.72 -32.81 4.17
N PHE B 249 1.54 -33.25 3.75
CA PHE B 249 1.26 -34.65 3.62
C PHE B 249 0.28 -34.79 2.47
N ASN B 250 0.78 -35.28 1.35
CA ASN B 250 -0.12 -35.74 0.30
C ASN B 250 -0.21 -37.26 0.33
N TRP B 251 -1.38 -37.79 -0.05
CA TRP B 251 -1.67 -39.19 0.16
C TRP B 251 -1.01 -40.07 -0.90
N TYR B 252 -0.63 -41.27 -0.49
CA TYR B 252 -0.12 -42.29 -1.40
C TYR B 252 -1.00 -43.52 -1.26
N GLU B 253 -1.48 -43.97 -2.41
CA GLU B 253 -2.35 -45.13 -2.47
C GLU B 253 -1.71 -46.21 -3.32
N ALA B 254 -1.65 -47.44 -2.79
CA ALA B 254 -1.06 -48.53 -3.57
C ALA B 254 -1.82 -48.68 -4.89
N LEU B 255 -1.08 -48.84 -5.99
CA LEU B 255 -1.69 -49.04 -7.31
C LEU B 255 -2.54 -50.32 -7.36
N SER B 256 -2.05 -51.35 -6.67
CA SER B 256 -2.75 -52.62 -6.56
C SER B 256 -2.55 -53.16 -5.15
N ASN B 257 -3.23 -54.28 -4.84
CA ASN B 257 -3.10 -54.91 -3.53
C ASN B 257 -1.90 -55.83 -3.38
N SER B 258 -1.02 -55.84 -4.39
CA SER B 258 0.20 -56.67 -4.32
C SER B 258 1.07 -56.24 -3.15
N THR B 259 1.86 -57.18 -2.65
CA THR B 259 2.77 -56.92 -1.55
C THR B 259 3.72 -55.78 -1.92
N GLU B 260 4.28 -55.83 -3.13
CA GLU B 260 5.25 -54.81 -3.50
C GLU B 260 4.64 -53.40 -3.70
N ASP B 261 3.42 -53.31 -4.25
CA ASP B 261 2.79 -51.99 -4.38
C ASP B 261 2.34 -51.44 -3.01
N GLN B 262 1.79 -52.30 -2.15
CA GLN B 262 1.43 -51.86 -0.82
C GLN B 262 2.65 -51.40 -0.03
N ALA B 263 3.77 -52.11 -0.18
CA ALA B 263 5.04 -51.73 0.46
C ALA B 263 5.52 -50.39 -0.08
N ALA B 264 5.43 -50.19 -1.40
CA ALA B 264 5.82 -48.92 -2.03
C ALA B 264 4.99 -47.75 -1.50
N ALA B 265 3.66 -47.89 -1.48
CA ALA B 265 2.86 -46.80 -0.90
C ALA B 265 3.28 -46.47 0.52
N GLN B 266 3.55 -47.50 1.32
CA GLN B 266 3.94 -47.31 2.71
C GLN B 266 5.31 -46.67 2.85
N ARG B 267 6.26 -47.04 1.99
CA ARG B 267 7.59 -46.41 1.96
C ARG B 267 7.47 -44.93 1.65
N ALA B 268 6.61 -44.60 0.70
CA ALA B 268 6.38 -43.19 0.34
C ALA B 268 5.82 -42.43 1.55
N ARG B 269 4.84 -42.99 2.26
CA ARG B 269 4.29 -42.32 3.44
C ARG B 269 5.41 -42.04 4.44
N ASP B 270 6.22 -43.05 4.73
CA ASP B 270 7.35 -42.93 5.68
C ASP B 270 8.37 -41.86 5.25
N PHE B 271 8.76 -41.85 3.97
CA PHE B 271 9.71 -40.83 3.48
C PHE B 271 9.13 -39.39 3.40
N HIS B 272 7.80 -39.29 3.32
CA HIS B 272 7.11 -38.01 3.15
C HIS B 272 6.74 -37.40 4.51
N ILE B 273 5.88 -38.10 5.24
CA ILE B 273 5.41 -37.59 6.53
C ILE B 273 6.12 -38.23 7.71
N GLY B 274 6.41 -39.52 7.62
CA GLY B 274 7.06 -40.23 8.72
C GLY B 274 8.42 -39.64 9.06
N TRP B 275 9.11 -39.13 8.04
CA TRP B 275 10.39 -38.42 8.17
C TRP B 275 10.38 -37.41 9.35
N TYR B 276 9.24 -36.72 9.52
CA TYR B 276 9.06 -35.73 10.60
C TYR B 276 8.21 -36.26 11.74
N LEU B 277 7.14 -37.00 11.42
CA LEU B 277 6.23 -37.46 12.47
C LEU B 277 6.80 -38.55 13.37
N ASP B 278 7.57 -39.47 12.82
CA ASP B 278 8.17 -40.48 13.69
C ASP B 278 9.10 -39.86 14.74
N PRO B 279 9.96 -38.89 14.35
CA PRO B 279 10.71 -38.18 15.39
C PRO B 279 9.77 -37.45 16.39
N LEU B 280 8.79 -36.71 15.86
CA LEU B 280 7.93 -35.88 16.73
C LEU B 280 7.06 -36.67 17.68
N ILE B 281 6.61 -37.84 17.23
CA ILE B 281 5.69 -38.66 18.04
C ILE B 281 6.42 -39.80 18.77
N ASN B 282 7.37 -40.42 18.08
CA ASN B 282 8.02 -41.65 18.59
C ASN B 282 9.48 -41.49 18.97
N GLY B 283 10.08 -40.34 18.65
CA GLY B 283 11.50 -40.08 18.98
C GLY B 283 12.54 -40.84 18.15
N HIS B 284 12.17 -41.24 16.94
CA HIS B 284 13.14 -41.83 16.00
C HIS B 284 12.69 -41.62 14.57
N TYR B 285 13.62 -41.66 13.63
CA TYR B 285 13.26 -41.70 12.22
C TYR B 285 12.57 -43.03 11.85
N PRO B 286 11.70 -43.02 10.81
CA PRO B 286 11.11 -44.27 10.34
C PRO B 286 12.19 -45.34 10.13
N GLN B 287 11.87 -46.58 10.52
CA GLN B 287 12.77 -47.71 10.32
C GLN B 287 13.25 -47.85 8.87
N ILE B 288 12.33 -47.70 7.92
CA ILE B 288 12.69 -47.86 6.50
C ILE B 288 13.73 -46.81 6.06
N MET B 289 13.64 -45.60 6.63
CA MET B 289 14.61 -44.56 6.26
C MET B 289 15.97 -44.89 6.86
N GLN B 290 15.97 -45.37 8.09
CA GLN B 290 17.20 -45.84 8.71
C GLN B 290 17.86 -46.98 7.89
N ASP B 291 17.04 -47.89 7.41
CA ASP B 291 17.55 -49.05 6.64
C ASP B 291 18.08 -48.72 5.25
N LEU B 292 17.42 -47.79 4.56
CA LEU B 292 17.77 -47.47 3.17
C LEU B 292 18.76 -46.35 3.09
N VAL B 293 18.60 -45.35 3.96
CA VAL B 293 19.45 -44.15 3.91
C VAL B 293 20.74 -44.35 4.71
N LYS B 294 20.68 -45.16 5.77
CA LYS B 294 21.89 -45.56 6.54
C LYS B 294 22.71 -44.38 7.07
N ASP B 295 24.01 -44.33 6.74
CA ASP B 295 24.86 -43.31 7.34
C ASP B 295 24.65 -41.89 6.79
N ARG B 296 23.83 -41.75 5.75
CA ARG B 296 23.41 -40.44 5.25
C ARG B 296 22.28 -39.81 6.09
N LEU B 297 21.65 -40.62 6.95
CA LEU B 297 20.63 -40.09 7.84
C LEU B 297 21.26 -39.79 9.20
N PRO B 298 21.27 -38.52 9.62
CA PRO B 298 21.84 -38.20 10.93
C PRO B 298 21.16 -38.99 12.05
N LYS B 299 21.89 -39.25 13.12
CA LYS B 299 21.33 -39.95 14.29
C LYS B 299 21.08 -38.96 15.43
N PHE B 300 19.87 -38.97 15.97
CA PHE B 300 19.59 -38.24 17.19
C PHE B 300 20.27 -38.93 18.33
N THR B 301 20.89 -38.17 19.23
CA THR B 301 21.34 -38.74 20.49
C THR B 301 20.09 -39.05 21.33
N PRO B 302 20.22 -39.94 22.32
CA PRO B 302 19.07 -40.18 23.22
C PRO B 302 18.47 -38.90 23.76
N GLU B 303 19.32 -37.95 24.16
CA GLU B 303 18.87 -36.66 24.71
C GLU B 303 18.11 -35.81 23.69
N GLN B 304 18.66 -35.72 22.47
CA GLN B 304 17.98 -35.00 21.39
C GLN B 304 16.65 -35.66 21.06
N ALA B 305 16.65 -36.99 20.96
CA ALA B 305 15.42 -37.71 20.62
C ALA B 305 14.34 -37.43 21.68
N ARG B 306 14.75 -37.36 22.94
CA ARG B 306 13.79 -37.09 24.01
C ARG B 306 13.32 -35.64 23.97
N LEU B 307 14.13 -34.76 23.42
CA LEU B 307 13.72 -33.36 23.28
C LEU B 307 12.73 -33.18 22.14
N VAL B 308 12.95 -33.92 21.06
CA VAL B 308 12.10 -33.85 19.88
C VAL B 308 10.76 -34.58 20.09
N LYS B 309 10.79 -35.77 20.71
CA LYS B 309 9.56 -36.52 20.97
C LYS B 309 8.62 -35.71 21.86
N GLY B 310 7.36 -35.61 21.46
CA GLY B 310 6.37 -34.90 22.24
C GLY B 310 6.48 -33.38 22.17
N SER B 311 7.35 -32.85 21.28
CA SER B 311 7.57 -31.38 21.18
C SER B 311 6.60 -30.62 20.29
N ALA B 312 5.55 -31.26 19.80
CA ALA B 312 4.50 -30.55 19.06
C ALA B 312 3.19 -30.72 19.82
N ASP B 313 2.63 -29.60 20.26
CA ASP B 313 1.33 -29.59 20.95
C ASP B 313 0.18 -29.98 20.03
N TYR B 314 0.37 -29.72 18.73
CA TYR B 314 -0.53 -30.23 17.71
C TYR B 314 0.27 -30.34 16.42
N ILE B 315 -0.25 -31.14 15.50
CA ILE B 315 0.40 -31.35 14.21
C ILE B 315 -0.42 -30.65 13.17
N GLY B 316 0.17 -29.66 12.50
CA GLY B 316 -0.49 -29.05 11.35
C GLY B 316 -0.17 -29.88 10.12
N ILE B 317 -1.21 -30.25 9.37
CA ILE B 317 -1.04 -30.94 8.11
C ILE B 317 -1.54 -30.07 6.97
N ASN B 318 -0.66 -29.82 6.00
CA ASN B 318 -1.06 -29.23 4.73
C ASN B 318 -1.38 -30.37 3.75
N GLN B 319 -2.64 -30.47 3.33
CA GLN B 319 -3.09 -31.60 2.55
C GLN B 319 -3.69 -31.07 1.27
N TYR B 320 -3.21 -31.57 0.12
CA TYR B 320 -3.72 -31.12 -1.18
C TYR B 320 -4.17 -32.23 -2.13
N THR B 321 -3.37 -33.28 -2.22
CA THR B 321 -3.53 -34.23 -3.31
C THR B 321 -3.16 -35.67 -2.94
N ALA B 322 -3.17 -36.56 -3.92
CA ALA B 322 -2.90 -37.97 -3.71
C ALA B 322 -2.27 -38.54 -4.98
N SER B 323 -1.54 -39.64 -4.84
CA SER B 323 -0.86 -40.28 -5.99
C SER B 323 -1.01 -41.78 -5.81
N TYR B 324 -1.04 -42.52 -6.92
CA TYR B 324 -0.82 -43.97 -6.88
C TYR B 324 0.68 -44.28 -6.83
N MET B 325 1.03 -45.36 -6.14
CA MET B 325 2.41 -45.79 -5.99
C MET B 325 2.53 -47.25 -6.44
N LYS B 326 3.55 -47.50 -7.24
CA LYS B 326 3.89 -48.82 -7.75
C LYS B 326 5.24 -49.22 -7.17
N GLY B 327 5.36 -50.48 -6.79
CA GLY B 327 6.56 -50.97 -6.16
C GLY B 327 7.51 -51.67 -7.11
N GLN B 328 8.57 -52.20 -6.54
CA GLN B 328 9.67 -52.79 -7.25
C GLN B 328 10.41 -53.59 -6.19
N GLN B 329 11.32 -54.49 -6.58
CA GLN B 329 12.17 -55.15 -5.61
C GLN B 329 13.15 -54.12 -5.08
N LEU B 330 13.28 -54.01 -3.76
CA LEU B 330 14.28 -53.12 -3.16
C LEU B 330 15.69 -53.55 -3.59
N MET B 331 16.47 -52.60 -4.10
CA MET B 331 17.81 -52.86 -4.67
C MET B 331 18.88 -52.17 -3.83
N GLN B 332 20.07 -52.78 -3.76
CA GLN B 332 21.26 -52.07 -3.32
C GLN B 332 21.64 -51.12 -4.45
N GLN B 333 21.71 -49.83 -4.16
CA GLN B 333 21.93 -48.81 -5.19
C GLN B 333 22.89 -47.71 -4.74
N THR B 334 23.70 -47.21 -5.66
CA THR B 334 24.53 -46.04 -5.40
C THR B 334 23.59 -44.87 -5.08
N PRO B 335 23.79 -44.21 -3.92
CA PRO B 335 22.92 -43.10 -3.51
C PRO B 335 23.01 -41.93 -4.48
N THR B 336 21.87 -41.39 -4.89
CA THR B 336 21.86 -40.21 -5.75
C THR B 336 21.03 -39.05 -5.20
N SER B 337 19.91 -39.37 -4.53
CA SER B 337 19.07 -38.29 -3.98
C SER B 337 18.03 -38.78 -2.96
N TYR B 338 17.58 -37.87 -2.12
CA TYR B 338 16.45 -38.17 -1.21
C TYR B 338 15.26 -38.74 -2.00
N SER B 339 14.95 -38.16 -3.16
CA SER B 339 13.79 -38.60 -3.96
C SER B 339 13.96 -40.04 -4.48
N ALA B 340 15.17 -40.36 -4.93
CA ALA B 340 15.48 -41.71 -5.45
C ALA B 340 15.60 -42.76 -4.32
N ASP B 341 15.87 -42.30 -3.10
CA ASP B 341 16.00 -43.18 -1.95
C ASP B 341 14.71 -43.94 -1.64
N TRP B 342 13.57 -43.42 -2.07
CA TRP B 342 12.28 -44.06 -1.76
C TRP B 342 12.12 -45.39 -2.50
N GLN B 343 12.78 -45.50 -3.65
CA GLN B 343 12.61 -46.67 -4.54
C GLN B 343 11.13 -46.97 -4.86
N VAL B 344 10.42 -45.96 -5.35
CA VAL B 344 9.02 -46.09 -5.73
C VAL B 344 8.82 -45.50 -7.11
N THR B 345 7.65 -45.80 -7.68
CA THR B 345 7.27 -45.33 -8.99
C THR B 345 5.90 -44.65 -8.90
N TYR B 346 5.83 -43.36 -9.26
CA TYR B 346 4.59 -42.58 -9.29
C TYR B 346 3.75 -42.96 -10.50
N VAL B 347 2.45 -43.10 -10.26
CA VAL B 347 1.48 -43.43 -11.31
C VAL B 347 0.22 -42.58 -11.06
N PHE B 348 -0.34 -41.96 -12.11
CA PHE B 348 -1.52 -41.11 -11.92
C PHE B 348 -2.79 -41.65 -12.57
N ALA B 349 -2.75 -42.93 -12.95
CA ALA B 349 -3.97 -43.66 -13.35
C ALA B 349 -4.03 -45.10 -12.78
N LYS B 350 -5.24 -45.54 -12.47
CA LYS B 350 -5.48 -46.92 -12.10
C LYS B 350 -6.65 -47.43 -12.94
N ASN B 351 -6.52 -48.63 -13.50
CA ASN B 351 -7.58 -49.20 -14.34
C ASN B 351 -7.99 -48.23 -15.46
N GLY B 352 -6.98 -47.54 -15.99
CA GLY B 352 -7.15 -46.63 -17.12
C GLY B 352 -7.84 -45.32 -16.82
N LYS B 353 -8.09 -45.05 -15.54
CA LYS B 353 -8.76 -43.81 -15.13
C LYS B 353 -7.81 -42.94 -14.33
N PRO B 354 -7.69 -41.65 -14.68
CA PRO B 354 -6.85 -40.79 -13.82
C PRO B 354 -7.38 -40.72 -12.39
N ILE B 355 -6.46 -40.57 -11.44
CA ILE B 355 -6.79 -40.42 -10.01
C ILE B 355 -7.72 -39.21 -9.77
N GLY B 356 -7.54 -38.15 -10.55
CA GLY B 356 -8.43 -37.01 -10.52
C GLY B 356 -8.01 -36.03 -11.60
N PRO B 357 -8.82 -34.99 -11.85
CA PRO B 357 -8.45 -33.90 -12.74
C PRO B 357 -7.42 -33.00 -12.06
N GLN B 358 -6.59 -32.30 -12.85
CA GLN B 358 -5.61 -31.39 -12.28
C GLN B 358 -6.18 -29.99 -12.12
N ALA B 359 -5.78 -29.31 -11.04
CA ALA B 359 -6.01 -27.86 -10.91
C ALA B 359 -4.94 -27.17 -11.77
N ASN B 360 -4.69 -25.87 -11.57
CA ASN B 360 -3.67 -25.16 -12.39
C ASN B 360 -2.27 -25.71 -12.15
N SER B 361 -1.91 -25.95 -10.89
CA SER B 361 -0.59 -26.51 -10.57
C SER B 361 -0.53 -27.98 -11.01
N ASN B 362 0.51 -28.33 -11.77
CA ASN B 362 0.58 -29.67 -12.37
C ASN B 362 0.63 -30.80 -11.35
N TRP B 363 1.16 -30.50 -10.17
CA TRP B 363 1.24 -31.50 -9.09
C TRP B 363 -0.09 -31.69 -8.35
N LEU B 364 -1.04 -30.79 -8.56
CA LEU B 364 -2.26 -30.78 -7.72
C LEU B 364 -3.40 -31.51 -8.40
N TYR B 365 -3.53 -32.81 -8.14
CA TYR B 365 -4.65 -33.60 -8.63
C TYR B 365 -5.77 -33.50 -7.61
N ILE B 366 -6.99 -33.30 -8.08
CA ILE B 366 -8.13 -33.10 -7.20
C ILE B 366 -8.66 -34.47 -6.80
N VAL B 367 -8.36 -34.85 -5.56
CA VAL B 367 -8.63 -36.18 -5.03
C VAL B 367 -9.14 -36.06 -3.59
N PRO B 368 -10.45 -35.80 -3.42
CA PRO B 368 -10.95 -35.54 -2.08
C PRO B 368 -10.69 -36.69 -1.10
N TRP B 369 -10.73 -37.94 -1.58
CA TRP B 369 -10.49 -39.08 -0.68
C TRP B 369 -9.05 -39.14 -0.10
N GLY B 370 -8.12 -38.38 -0.70
CA GLY B 370 -6.76 -38.26 -0.15
C GLY B 370 -6.78 -37.61 1.21
N MET B 371 -7.73 -36.69 1.40
CA MET B 371 -7.91 -36.04 2.70
C MET B 371 -8.28 -37.06 3.77
N TYR B 372 -9.25 -37.92 3.45
CA TYR B 372 -9.61 -39.01 4.37
C TYR B 372 -8.41 -39.93 4.59
N GLY B 373 -7.75 -40.31 3.50
CA GLY B 373 -6.59 -41.20 3.56
C GLY B 373 -5.56 -40.70 4.56
N CYS B 374 -5.13 -39.45 4.39
CA CYS B 374 -4.08 -38.85 5.24
C CYS B 374 -4.49 -38.77 6.71
N VAL B 375 -5.73 -38.34 6.97
CA VAL B 375 -6.19 -38.07 8.34
C VAL B 375 -6.38 -39.40 9.07
N ASN B 376 -7.03 -40.34 8.39
CA ASN B 376 -7.21 -41.69 8.94
C ASN B 376 -5.86 -42.38 9.23
N TYR B 377 -4.92 -42.20 8.31
CA TYR B 377 -3.58 -42.79 8.47
C TYR B 377 -2.89 -42.26 9.74
N ILE B 378 -2.90 -40.94 9.93
CA ILE B 378 -2.27 -40.35 11.11
C ILE B 378 -2.96 -40.81 12.39
N LYS B 379 -4.29 -40.87 12.36
CA LYS B 379 -5.06 -41.37 13.51
C LYS B 379 -4.64 -42.79 13.89
N GLN B 380 -4.57 -43.67 12.89
CA GLN B 380 -4.32 -45.11 13.13
C GLN B 380 -2.87 -45.43 13.44
N LYS B 381 -1.94 -44.65 12.88
CA LYS B 381 -0.52 -44.98 13.02
C LYS B 381 0.15 -44.33 14.20
N TYR B 382 -0.26 -43.09 14.51
CA TYR B 382 0.49 -42.27 15.47
C TYR B 382 -0.23 -41.97 16.78
N GLY B 383 -1.20 -42.83 17.14
CA GLY B 383 -1.92 -42.68 18.39
C GLY B 383 -2.89 -41.49 18.40
N ASN B 384 -3.42 -41.14 17.22
CA ASN B 384 -4.46 -40.12 17.11
C ASN B 384 -4.05 -38.78 17.78
N PRO B 385 -2.91 -38.22 17.35
CA PRO B 385 -2.49 -36.94 17.90
C PRO B 385 -3.45 -35.82 17.49
N THR B 386 -3.43 -34.70 18.22
CA THR B 386 -4.22 -33.57 17.78
C THR B 386 -3.67 -33.03 16.48
N VAL B 387 -4.54 -33.00 15.47
CA VAL B 387 -4.18 -32.56 14.12
C VAL B 387 -4.97 -31.30 13.78
N VAL B 388 -4.34 -30.37 13.07
CA VAL B 388 -5.07 -29.24 12.53
C VAL B 388 -4.77 -29.23 11.04
N ILE B 389 -5.80 -29.21 10.20
CA ILE B 389 -5.55 -29.12 8.77
C ILE B 389 -5.17 -27.67 8.51
N THR B 390 -3.87 -27.42 8.24
CA THR B 390 -3.37 -26.04 8.26
C THR B 390 -3.31 -25.41 6.87
N SER B 391 -3.61 -26.18 5.83
CA SER B 391 -3.77 -25.65 4.45
C SER B 391 -4.43 -26.68 3.58
N ASN B 392 -5.38 -26.22 2.78
CA ASN B 392 -6.03 -27.06 1.77
C ASN B 392 -6.68 -26.10 0.78
N GLY B 393 -6.51 -26.36 -0.53
CA GLY B 393 -7.04 -25.45 -1.54
C GLY B 393 -6.56 -25.84 -2.91
N MET B 394 -6.98 -25.08 -3.92
CA MET B 394 -6.61 -25.40 -5.30
C MET B 394 -6.53 -24.10 -6.07
N ASP B 395 -5.86 -24.14 -7.22
CA ASP B 395 -5.58 -22.92 -7.96
C ASP B 395 -6.21 -22.83 -9.33
N GLN B 396 -6.55 -21.59 -9.70
CA GLN B 396 -6.95 -21.20 -11.06
C GLN B 396 -5.72 -20.69 -11.83
N PRO B 397 -5.76 -20.79 -13.18
CA PRO B 397 -4.67 -20.34 -14.01
C PRO B 397 -4.68 -18.80 -14.16
N ALA B 398 -3.64 -18.29 -14.82
CA ALA B 398 -3.49 -16.88 -15.14
C ALA B 398 -4.43 -16.45 -16.26
N ASN B 399 -4.54 -15.14 -16.44
CA ASN B 399 -5.16 -14.57 -17.65
C ASN B 399 -6.67 -14.77 -17.78
N LEU B 400 -7.36 -15.18 -16.72
CA LEU B 400 -8.83 -15.24 -16.80
C LEU B 400 -9.43 -13.84 -16.62
N SER B 401 -10.71 -13.66 -16.94
CA SER B 401 -11.36 -12.39 -16.67
C SER B 401 -11.70 -12.35 -15.20
N ARG B 402 -11.97 -11.17 -14.68
CA ARG B 402 -12.43 -11.04 -13.31
C ARG B 402 -13.62 -11.97 -13.06
N ASP B 403 -14.63 -11.89 -13.92
CA ASP B 403 -15.86 -12.67 -13.70
C ASP B 403 -15.57 -14.18 -13.73
N GLN B 404 -14.64 -14.60 -14.58
CA GLN B 404 -14.18 -16.00 -14.59
C GLN B 404 -13.52 -16.41 -13.28
N TYR B 405 -12.72 -15.51 -12.69
CA TYR B 405 -12.11 -15.81 -11.40
C TYR B 405 -13.16 -15.94 -10.32
N LEU B 406 -14.19 -15.09 -10.36
CA LEU B 406 -15.21 -15.08 -9.30
C LEU B 406 -16.15 -16.28 -9.36
N ARG B 407 -16.36 -16.84 -10.55
CA ARG B 407 -17.24 -18.00 -10.70
C ARG B 407 -16.42 -19.27 -10.54
N ASP B 408 -15.88 -19.48 -9.35
CA ASP B 408 -14.91 -20.55 -9.15
C ASP B 408 -15.60 -21.83 -8.73
N THR B 409 -16.47 -22.30 -9.61
CA THR B 409 -17.27 -23.50 -9.37
C THR B 409 -16.42 -24.73 -9.00
N THR B 410 -15.27 -24.92 -9.65
CA THR B 410 -14.39 -26.07 -9.35
C THR B 410 -13.86 -26.00 -7.92
N ARG B 411 -13.56 -24.79 -7.47
CA ARG B 411 -13.08 -24.59 -6.10
C ARG B 411 -14.20 -24.81 -5.08
N VAL B 412 -15.41 -24.35 -5.41
CA VAL B 412 -16.55 -24.66 -4.56
C VAL B 412 -16.71 -26.18 -4.37
N HIS B 413 -16.72 -26.90 -5.49
CA HIS B 413 -16.79 -28.38 -5.49
C HIS B 413 -15.63 -28.97 -4.68
N PHE B 414 -14.43 -28.41 -4.88
CA PHE B 414 -13.23 -28.84 -4.16
C PHE B 414 -13.41 -28.80 -2.65
N TYR B 415 -13.82 -27.64 -2.11
CA TYR B 415 -14.04 -27.52 -0.67
C TYR B 415 -15.18 -28.39 -0.16
N ARG B 416 -16.29 -28.44 -0.87
CA ARG B 416 -17.41 -29.26 -0.41
C ARG B 416 -16.98 -30.75 -0.28
N SER B 417 -16.31 -31.25 -1.32
CA SER B 417 -15.85 -32.63 -1.36
C SER B 417 -14.76 -32.95 -0.34
N TYR B 418 -13.72 -32.11 -0.28
CA TYR B 418 -12.63 -32.36 0.66
C TYR B 418 -13.10 -32.22 2.11
N LEU B 419 -13.95 -31.24 2.39
CA LEU B 419 -14.50 -31.12 3.76
C LEU B 419 -15.43 -32.29 4.13
N THR B 420 -16.18 -32.79 3.15
CA THR B 420 -16.99 -34.00 3.36
C THR B 420 -16.10 -35.20 3.75
N GLN B 421 -14.93 -35.30 3.10
CA GLN B 421 -13.99 -36.39 3.37
C GLN B 421 -13.33 -36.20 4.74
N LEU B 422 -12.99 -34.96 5.08
CA LEU B 422 -12.48 -34.65 6.41
C LEU B 422 -13.52 -35.01 7.49
N LYS B 423 -14.75 -34.57 7.27
CA LYS B 423 -15.86 -34.89 8.18
C LYS B 423 -15.98 -36.40 8.42
N LYS B 424 -15.87 -37.18 7.34
CA LYS B 424 -15.90 -38.65 7.44
C LYS B 424 -14.81 -39.17 8.40
N ALA B 425 -13.59 -38.66 8.25
CA ALA B 425 -12.51 -39.04 9.16
C ALA B 425 -12.77 -38.62 10.61
N ILE B 426 -13.27 -37.40 10.81
CA ILE B 426 -13.53 -36.92 12.16
C ILE B 426 -14.66 -37.75 12.81
N ASP B 427 -15.69 -38.06 12.03
CA ASP B 427 -16.81 -38.85 12.55
C ASP B 427 -16.36 -40.28 12.92
N GLU B 428 -15.30 -40.76 12.28
CA GLU B 428 -14.67 -42.03 12.64
C GLU B 428 -13.70 -41.93 13.83
N GLY B 429 -13.57 -40.72 14.39
CA GLY B 429 -12.81 -40.55 15.62
C GLY B 429 -11.46 -39.87 15.49
N ALA B 430 -11.10 -39.37 14.30
CA ALA B 430 -9.82 -38.64 14.17
C ALA B 430 -9.83 -37.34 14.99
N ASN B 431 -8.75 -37.06 15.71
CA ASN B 431 -8.69 -35.91 16.58
C ASN B 431 -8.26 -34.66 15.82
N VAL B 432 -9.11 -34.21 14.90
CA VAL B 432 -8.85 -32.97 14.15
C VAL B 432 -9.52 -31.79 14.86
N ALA B 433 -8.73 -30.76 15.16
CA ALA B 433 -9.16 -29.60 15.96
C ALA B 433 -9.56 -28.40 15.10
N GLY B 434 -9.16 -28.40 13.84
CA GLY B 434 -9.41 -27.22 13.01
C GLY B 434 -9.06 -27.42 11.55
N TYR B 435 -9.45 -26.46 10.73
CA TYR B 435 -9.28 -26.50 9.28
C TYR B 435 -9.09 -25.08 8.72
N PHE B 436 -8.06 -24.92 7.87
CA PHE B 436 -7.66 -23.63 7.34
C PHE B 436 -7.53 -23.71 5.82
N ALA B 437 -8.24 -22.85 5.10
CA ALA B 437 -8.22 -22.84 3.63
C ALA B 437 -7.02 -22.07 3.13
N TRP B 438 -6.21 -22.69 2.26
CA TRP B 438 -5.18 -21.92 1.52
C TRP B 438 -5.84 -21.52 0.19
N SER B 439 -6.05 -20.23 -0.10
CA SER B 439 -5.63 -19.08 0.70
C SER B 439 -6.79 -18.10 0.83
N LEU B 440 -6.70 -17.20 1.81
CA LEU B 440 -7.61 -16.08 1.87
C LEU B 440 -7.63 -15.30 0.54
N LEU B 441 -6.45 -15.07 -0.02
CA LEU B 441 -6.29 -14.16 -1.17
C LEU B 441 -5.47 -14.81 -2.25
N ASP B 442 -5.76 -14.50 -3.51
CA ASP B 442 -4.77 -14.79 -4.54
C ASP B 442 -3.49 -14.06 -4.14
N ASN B 443 -2.33 -14.69 -4.36
CA ASN B 443 -1.09 -14.16 -3.86
C ASN B 443 0.15 -14.56 -4.68
N PHE B 444 1.33 -14.27 -4.15
CA PHE B 444 2.59 -14.62 -4.82
C PHE B 444 2.87 -16.11 -4.61
N GLU B 445 2.66 -16.92 -5.66
CA GLU B 445 2.78 -18.37 -5.51
C GLU B 445 4.18 -18.87 -5.92
N TRP B 446 5.18 -18.39 -5.19
CA TRP B 446 6.55 -18.89 -5.32
C TRP B 446 7.04 -18.94 -6.77
N LEU B 447 7.48 -20.12 -7.27
CA LEU B 447 8.00 -20.17 -8.66
C LEU B 447 6.96 -19.75 -9.72
N SER B 448 5.68 -19.94 -9.40
CA SER B 448 4.58 -19.58 -10.32
C SER B 448 4.26 -18.08 -10.29
N GLY B 449 4.89 -17.35 -9.37
CA GLY B 449 4.57 -15.91 -9.18
C GLY B 449 3.07 -15.66 -9.11
N TYR B 450 2.57 -14.72 -9.91
CA TYR B 450 1.13 -14.40 -9.90
C TYR B 450 0.34 -15.17 -10.95
N THR B 451 0.93 -16.25 -11.50
CA THR B 451 0.25 -17.04 -12.53
C THR B 451 -0.65 -18.16 -11.95
N SER B 452 -0.60 -18.31 -10.63
CA SER B 452 -1.39 -19.32 -9.92
C SER B 452 -2.25 -18.59 -8.91
N LYS B 453 -3.57 -18.81 -8.99
CA LYS B 453 -4.53 -18.14 -8.10
C LYS B 453 -5.20 -19.14 -7.12
N PHE B 454 -4.74 -19.14 -5.86
CA PHE B 454 -5.29 -20.02 -4.83
C PHE B 454 -6.39 -19.41 -3.92
N GLY B 455 -6.68 -18.11 -4.06
CA GLY B 455 -7.53 -17.42 -3.07
C GLY B 455 -9.01 -17.77 -3.15
N ILE B 456 -9.71 -17.71 -2.01
CA ILE B 456 -11.17 -17.69 -2.05
C ILE B 456 -11.59 -16.25 -2.32
N VAL B 457 -10.63 -15.32 -2.18
CA VAL B 457 -10.85 -13.92 -2.56
C VAL B 457 -9.92 -13.58 -3.73
N TYR B 458 -10.49 -13.02 -4.79
CA TYR B 458 -9.76 -12.57 -5.96
C TYR B 458 -9.02 -11.28 -5.67
N VAL B 459 -7.76 -11.20 -6.11
CA VAL B 459 -7.02 -9.95 -6.03
C VAL B 459 -6.67 -9.54 -7.45
N ASP B 460 -7.11 -8.35 -7.83
CA ASP B 460 -6.77 -7.78 -9.13
C ASP B 460 -5.34 -7.25 -8.97
N PHE B 461 -4.36 -7.86 -9.63
CA PHE B 461 -2.96 -7.44 -9.40
C PHE B 461 -2.51 -6.13 -10.08
N ASN B 462 -3.42 -5.48 -10.80
CA ASN B 462 -3.16 -4.13 -11.31
C ASN B 462 -3.58 -3.05 -10.32
N THR B 463 -4.76 -3.24 -9.71
CA THR B 463 -5.36 -2.24 -8.82
C THR B 463 -5.26 -2.61 -7.33
N LEU B 464 -4.94 -3.88 -7.07
CA LEU B 464 -4.91 -4.49 -5.71
C LEU B 464 -6.28 -4.62 -5.04
N GLU B 465 -7.34 -4.35 -5.78
CA GLU B 465 -8.69 -4.55 -5.25
C GLU B 465 -8.99 -6.01 -4.89
N ARG B 466 -9.70 -6.22 -3.78
CA ARG B 466 -10.23 -7.54 -3.42
C ARG B 466 -11.68 -7.72 -3.88
N HIS B 467 -12.00 -8.92 -4.37
CA HIS B 467 -13.39 -9.32 -4.71
C HIS B 467 -13.59 -10.78 -4.25
N PRO B 468 -14.47 -11.01 -3.26
CA PRO B 468 -14.78 -12.40 -2.86
C PRO B 468 -15.24 -13.23 -4.04
N LYS B 469 -14.73 -14.46 -4.16
CA LYS B 469 -15.19 -15.37 -5.21
C LYS B 469 -16.39 -16.17 -4.67
N ALA B 470 -17.02 -16.97 -5.53
CA ALA B 470 -18.12 -17.84 -5.09
C ALA B 470 -17.70 -18.72 -3.91
N SER B 471 -16.47 -19.22 -3.92
CA SER B 471 -15.96 -20.03 -2.79
C SER B 471 -15.99 -19.29 -1.44
N ALA B 472 -15.67 -17.99 -1.44
CA ALA B 472 -15.77 -17.17 -0.23
C ALA B 472 -17.22 -17.13 0.26
N TYR B 473 -18.15 -16.90 -0.67
CA TYR B 473 -19.58 -16.91 -0.28
C TYR B 473 -20.03 -18.28 0.20
N TRP B 474 -19.45 -19.33 -0.38
CA TRP B 474 -19.70 -20.70 0.07
C TRP B 474 -19.32 -20.86 1.54
N PHE B 475 -18.09 -20.45 1.90
CA PHE B 475 -17.68 -20.49 3.31
C PHE B 475 -18.56 -19.63 4.21
N ARG B 476 -18.93 -18.44 3.75
CA ARG B 476 -19.75 -17.56 4.56
C ARG B 476 -21.06 -18.27 4.89
N ASP B 477 -21.65 -18.88 3.88
CA ASP B 477 -22.88 -19.65 4.07
C ASP B 477 -22.68 -20.87 4.96
N MET B 478 -21.62 -21.61 4.71
CA MET B 478 -21.36 -22.84 5.48
C MET B 478 -21.11 -22.53 6.95
N LEU B 479 -20.44 -21.41 7.21
CA LEU B 479 -19.90 -21.12 8.53
C LEU B 479 -20.78 -20.20 9.40
N LYS B 480 -21.94 -19.79 8.91
CA LYS B 480 -22.75 -18.84 9.70
C LYS B 480 -23.12 -19.45 11.04
N HIS B 481 -23.11 -18.60 12.08
CA HIS B 481 -23.22 -19.00 13.49
C HIS B 481 -24.65 -19.11 13.99
ZN ZN C . 0.68 0.09 0.13
S SO4 D . 9.40 9.25 -23.30
O1 SO4 D . 8.02 9.10 -23.79
O2 SO4 D . 10.24 9.81 -24.35
O3 SO4 D . 9.92 7.96 -22.89
O4 SO4 D . 9.41 10.17 -22.18
O1 MES E . 12.00 48.26 -14.81
C2 MES E . 10.78 47.60 -15.20
C3 MES E . 10.24 46.71 -14.06
N4 MES E . 10.54 47.20 -12.70
C5 MES E . 11.45 48.32 -12.42
C6 MES E . 11.80 49.13 -13.69
C7 MES E . 9.90 46.45 -11.60
C8 MES E . 9.46 47.28 -10.38
S MES E . 9.11 46.31 -9.02
O1S MES E . 10.33 45.55 -9.25
O2S MES E . 7.80 45.91 -9.57
O3S MES E . 9.30 47.45 -8.09
C1 GOL F . -5.44 23.61 1.20
O1 GOL F . -6.77 23.67 1.67
C2 GOL F . -5.28 22.51 0.15
O2 GOL F . -5.56 21.25 0.71
C3 GOL F . -3.82 22.55 -0.36
O3 GOL F . -3.37 21.31 -0.90
S SO4 G . 1.55 -7.51 25.61
O1 SO4 G . 0.12 -7.81 25.50
O2 SO4 G . 2.02 -7.83 26.96
O3 SO4 G . 1.74 -6.09 25.32
O4 SO4 G . 2.26 -8.33 24.64
O1 MES H . 18.10 -43.69 21.46
C2 MES H . 16.72 -43.34 21.31
C3 MES H . 16.38 -42.78 19.91
N4 MES H . 17.43 -42.99 18.89
C5 MES H . 18.70 -43.72 19.12
C6 MES H . 18.60 -44.52 20.42
C7 MES H . 17.19 -42.33 17.59
C8 MES H . 17.62 -43.14 16.35
S MES H . 17.51 -42.22 14.92
O1S MES H . 18.50 -41.29 15.48
O2S MES H . 16.06 -42.03 15.03
O3S MES H . 17.79 -43.37 14.04
C1 GOL I . 2.31 -22.52 0.38
O1 GOL I . 3.03 -21.38 0.81
C2 GOL I . 2.33 -22.69 -1.14
O2 GOL I . 1.39 -21.79 -1.65
C3 GOL I . 1.92 -24.12 -1.54
O3 GOL I . 1.75 -24.22 -2.95
#